data_2JPC
#
_entry.id   2JPC
#
_cell.length_a   1.000
_cell.length_b   1.000
_cell.length_c   1.000
_cell.angle_alpha   90.00
_cell.angle_beta   90.00
_cell.angle_gamma   90.00
#
_symmetry.space_group_name_H-M   'P 1'
#
_entity_poly.entity_id   1
_entity_poly.type   'polypeptide(L)'
_entity_poly.pdbx_seq_one_letter_code
;LRERQVLKLIDEGYTNHGISEKLHISIKTVETHRMNMMRKLQVHKVTELLNCARRMRLIEY
;
_entity_poly.pdbx_strand_id   A
#
# COMPACT_ATOMS: atom_id res chain seq x y z
N LEU A 1 11.39 -1.18 -4.53
CA LEU A 1 11.04 -0.92 -5.92
C LEU A 1 9.55 -1.22 -6.12
N ARG A 2 9.19 -2.47 -5.88
CA ARG A 2 7.82 -2.90 -6.03
C ARG A 2 6.97 -2.42 -4.85
N GLU A 3 7.57 -2.49 -3.67
CA GLU A 3 6.89 -2.06 -2.46
C GLU A 3 6.93 -0.53 -2.34
N ARG A 4 7.67 0.08 -3.24
CA ARG A 4 7.80 1.53 -3.24
C ARG A 4 6.72 2.14 -4.14
N GLN A 5 6.43 1.46 -5.23
CA GLN A 5 5.43 1.94 -6.17
C GLN A 5 4.03 1.85 -5.53
N VAL A 6 3.77 0.71 -4.92
CA VAL A 6 2.48 0.48 -4.28
C VAL A 6 2.36 1.42 -3.08
N LEU A 7 3.34 1.34 -2.18
CA LEU A 7 3.33 2.17 -1.00
C LEU A 7 3.22 3.64 -1.40
N LYS A 8 3.54 3.89 -2.67
CA LYS A 8 3.47 5.24 -3.20
C LYS A 8 2.01 5.60 -3.51
N LEU A 9 1.38 4.73 -4.29
CA LEU A 9 -0.01 4.93 -4.66
C LEU A 9 -0.90 4.69 -3.44
N ILE A 10 -0.51 3.72 -2.64
CA ILE A 10 -1.27 3.38 -1.44
C ILE A 10 -1.34 4.61 -0.53
N ASP A 11 -0.20 5.26 -0.38
CA ASP A 11 -0.11 6.45 0.46
C ASP A 11 -1.14 7.48 -0.02
N GLU A 12 -1.24 7.59 -1.34
CA GLU A 12 -2.16 8.53 -1.93
C GLU A 12 -3.55 7.89 -2.08
N GLY A 13 -3.74 6.80 -1.36
CA GLY A 13 -5.01 6.09 -1.40
C GLY A 13 -5.01 5.04 -2.52
N TYR A 14 -5.31 3.81 -2.14
CA TYR A 14 -5.36 2.72 -3.09
C TYR A 14 -5.38 1.37 -2.38
N THR A 15 -6.57 1.01 -1.90
CA THR A 15 -6.74 -0.25 -1.20
C THR A 15 -6.06 -1.39 -1.95
N ASN A 16 -6.86 -2.09 -2.75
CA ASN A 16 -6.34 -3.20 -3.54
C ASN A 16 -7.02 -3.20 -4.91
N HIS A 17 -8.34 -3.11 -4.87
CA HIS A 17 -9.12 -3.11 -6.11
C HIS A 17 -8.53 -2.07 -7.08
N GLY A 18 -8.15 -0.94 -6.52
CA GLY A 18 -7.58 0.14 -7.33
C GLY A 18 -6.16 -0.22 -7.78
N ILE A 19 -5.42 -0.82 -6.87
CA ILE A 19 -4.05 -1.23 -7.16
C ILE A 19 -4.06 -2.28 -8.27
N SER A 20 -5.04 -3.16 -8.20
CA SER A 20 -5.17 -4.21 -9.19
C SER A 20 -5.55 -3.62 -10.54
N GLU A 21 -6.22 -2.48 -10.49
CA GLU A 21 -6.64 -1.81 -11.70
C GLU A 21 -5.52 -0.92 -12.23
N LYS A 22 -4.64 -0.53 -11.32
CA LYS A 22 -3.51 0.32 -11.68
C LYS A 22 -2.31 -0.56 -12.06
N LEU A 23 -1.96 -1.44 -11.13
CA LEU A 23 -0.83 -2.33 -11.34
C LEU A 23 -1.26 -3.45 -12.29
N HIS A 24 -2.32 -4.14 -11.91
CA HIS A 24 -2.84 -5.23 -12.73
C HIS A 24 -3.67 -6.17 -11.84
N ILE A 25 -4.69 -6.76 -12.47
CA ILE A 25 -5.56 -7.68 -11.76
C ILE A 25 -4.71 -8.75 -11.07
N SER A 26 -4.38 -8.48 -9.82
CA SER A 26 -3.58 -9.41 -9.04
C SER A 26 -3.62 -9.02 -7.56
N ILE A 27 -4.83 -8.82 -7.07
CA ILE A 27 -5.02 -8.44 -5.68
C ILE A 27 -4.26 -9.43 -4.78
N LYS A 28 -4.06 -10.63 -5.31
CA LYS A 28 -3.36 -11.67 -4.57
C LYS A 28 -1.87 -11.33 -4.52
N THR A 29 -1.31 -11.09 -5.69
CA THR A 29 0.11 -10.75 -5.79
C THR A 29 0.46 -9.63 -4.83
N VAL A 30 -0.48 -8.69 -4.70
CA VAL A 30 -0.28 -7.55 -3.82
C VAL A 30 -0.22 -8.05 -2.37
N GLU A 31 -1.10 -8.98 -2.05
CA GLU A 31 -1.15 -9.54 -0.71
C GLU A 31 0.25 -9.94 -0.25
N THR A 32 1.01 -10.48 -1.19
CA THR A 32 2.37 -10.91 -0.89
C THR A 32 3.28 -9.70 -0.71
N HIS A 33 3.01 -8.67 -1.49
CA HIS A 33 3.80 -7.45 -1.43
C HIS A 33 3.44 -6.67 -0.16
N ARG A 34 2.15 -6.58 0.10
CA ARG A 34 1.67 -5.87 1.27
C ARG A 34 2.41 -6.35 2.53
N MET A 35 2.58 -7.66 2.61
CA MET A 35 3.27 -8.25 3.74
C MET A 35 4.72 -7.78 3.80
N ASN A 36 5.38 -7.84 2.65
CA ASN A 36 6.77 -7.42 2.56
C ASN A 36 6.86 -5.92 2.83
N MET A 37 5.93 -5.19 2.24
CA MET A 37 5.89 -3.74 2.40
C MET A 37 5.92 -3.36 3.89
N MET A 38 5.16 -4.10 4.68
CA MET A 38 5.09 -3.85 6.10
C MET A 38 6.40 -4.26 6.80
N ARG A 39 6.95 -5.37 6.33
CA ARG A 39 8.19 -5.88 6.89
C ARG A 39 9.37 -5.02 6.44
N LYS A 40 9.06 -4.04 5.61
CA LYS A 40 10.09 -3.14 5.10
C LYS A 40 10.23 -1.96 6.05
N LEU A 41 9.12 -1.25 6.25
CA LEU A 41 9.11 -0.11 7.13
C LEU A 41 8.78 -0.55 8.56
N GLN A 42 8.19 -1.73 8.65
CA GLN A 42 7.81 -2.28 9.94
C GLN A 42 6.57 -1.56 10.49
N VAL A 43 5.42 -2.03 10.04
CA VAL A 43 4.16 -1.44 10.47
C VAL A 43 3.23 -2.55 10.99
N HIS A 44 2.21 -2.84 10.20
CA HIS A 44 1.26 -3.87 10.55
C HIS A 44 0.51 -4.34 9.30
N LYS A 45 -0.42 -3.51 8.85
CA LYS A 45 -1.21 -3.82 7.68
C LYS A 45 -1.06 -2.69 6.65
N VAL A 46 -1.54 -2.96 5.45
CA VAL A 46 -1.47 -1.98 4.38
C VAL A 46 -2.12 -0.67 4.85
N THR A 47 -3.18 -0.82 5.63
CA THR A 47 -3.89 0.33 6.14
C THR A 47 -2.99 1.15 7.07
N GLU A 48 -2.46 0.46 8.08
CA GLU A 48 -1.59 1.10 9.04
C GLU A 48 -0.33 1.63 8.35
N LEU A 49 0.25 0.78 7.50
CA LEU A 49 1.44 1.15 6.77
C LEU A 49 1.12 2.31 5.82
N LEU A 50 -0.10 2.28 5.29
CA LEU A 50 -0.54 3.30 4.37
C LEU A 50 -0.33 4.68 5.02
N ASN A 51 -0.67 4.76 6.29
CA ASN A 51 -0.52 6.01 7.03
C ASN A 51 0.97 6.31 7.21
N CYS A 52 1.75 5.25 7.32
CA CYS A 52 3.18 5.38 7.49
C CYS A 52 3.73 6.24 6.34
N ALA A 53 3.40 5.82 5.13
CA ALA A 53 3.85 6.53 3.95
C ALA A 53 3.23 7.93 3.93
N ARG A 54 2.00 8.00 4.40
CA ARG A 54 1.28 9.26 4.44
C ARG A 54 1.97 10.23 5.41
N ARG A 55 2.12 9.78 6.64
CA ARG A 55 2.76 10.59 7.66
C ARG A 55 1.93 11.84 7.96
N MET A 56 0.62 11.64 8.02
CA MET A 56 -0.30 12.74 8.29
C MET A 56 -1.48 12.26 9.12
N ARG A 57 -2.10 11.19 8.66
CA ARG A 57 -3.25 10.62 9.35
C ARG A 57 -4.42 11.61 9.32
N LEU A 58 -4.82 11.98 8.12
CA LEU A 58 -5.92 12.91 7.95
C LEU A 58 -7.10 12.19 7.28
N ILE A 59 -6.82 11.61 6.12
CA ILE A 59 -7.83 10.88 5.38
C ILE A 59 -8.94 11.85 4.97
N GLU A 60 -8.54 12.89 4.24
CA GLU A 60 -9.50 13.89 3.78
C GLU A 60 -9.67 13.80 2.26
N TYR A 61 -8.57 14.02 1.56
CA TYR A 61 -8.59 13.96 0.10
C TYR A 61 -9.50 12.83 -0.39
N LEU A 1 11.39 -1.38 -4.25
CA LEU A 1 11.11 -1.43 -5.68
C LEU A 1 9.69 -1.93 -5.90
N ARG A 2 9.47 -3.19 -5.52
CA ARG A 2 8.16 -3.80 -5.68
C ARG A 2 7.15 -3.11 -4.78
N GLU A 3 7.59 -2.81 -3.55
CA GLU A 3 6.72 -2.16 -2.58
C GLU A 3 6.82 -0.64 -2.74
N ARG A 4 7.99 -0.19 -3.17
CA ARG A 4 8.22 1.24 -3.37
C ARG A 4 7.24 1.79 -4.42
N GLN A 5 6.87 0.93 -5.35
CA GLN A 5 5.95 1.32 -6.40
C GLN A 5 4.50 1.14 -5.94
N VAL A 6 4.27 0.02 -5.27
CA VAL A 6 2.94 -0.28 -4.77
C VAL A 6 2.60 0.67 -3.62
N LEU A 7 3.62 1.01 -2.85
CA LEU A 7 3.44 1.92 -1.73
C LEU A 7 2.99 3.28 -2.25
N LYS A 8 3.83 3.87 -3.09
CA LYS A 8 3.53 5.17 -3.65
C LYS A 8 2.09 5.19 -4.15
N LEU A 9 1.66 4.05 -4.67
CA LEU A 9 0.31 3.91 -5.17
C LEU A 9 -0.66 3.74 -4.00
N ILE A 10 -0.39 2.72 -3.19
CA ILE A 10 -1.23 2.45 -2.03
C ILE A 10 -1.41 3.73 -1.22
N ASP A 11 -0.40 4.58 -1.27
CA ASP A 11 -0.44 5.84 -0.56
C ASP A 11 -1.57 6.71 -1.12
N GLU A 12 -1.50 6.94 -2.42
CA GLU A 12 -2.51 7.75 -3.10
C GLU A 12 -3.90 7.14 -2.89
N GLY A 13 -3.92 5.83 -2.69
CA GLY A 13 -5.17 5.13 -2.48
C GLY A 13 -5.12 3.72 -3.10
N TYR A 14 -6.24 3.32 -3.68
CA TYR A 14 -6.33 2.02 -4.29
C TYR A 14 -6.14 0.90 -3.26
N THR A 15 -7.10 0.78 -2.36
CA THR A 15 -7.04 -0.23 -1.32
C THR A 15 -6.39 -1.50 -1.86
N ASN A 16 -7.14 -2.21 -2.68
CA ASN A 16 -6.65 -3.45 -3.27
C ASN A 16 -7.07 -3.50 -4.74
N HIS A 17 -8.37 -3.51 -4.96
CA HIS A 17 -8.91 -3.57 -6.31
C HIS A 17 -8.41 -2.37 -7.12
N GLY A 18 -8.01 -1.33 -6.38
CA GLY A 18 -7.52 -0.13 -7.01
C GLY A 18 -6.15 -0.37 -7.65
N ILE A 19 -5.29 -1.06 -6.91
CA ILE A 19 -3.96 -1.37 -7.40
C ILE A 19 -4.05 -2.34 -8.57
N SER A 20 -5.18 -3.04 -8.62
CA SER A 20 -5.41 -4.01 -9.68
C SER A 20 -5.80 -3.28 -10.97
N GLU A 21 -6.67 -2.30 -10.83
CA GLU A 21 -7.14 -1.53 -11.97
C GLU A 21 -6.16 -0.39 -12.26
N LYS A 22 -5.45 0.03 -11.22
CA LYS A 22 -4.48 1.10 -11.36
C LYS A 22 -3.11 0.51 -11.71
N LEU A 23 -2.67 -0.42 -10.87
CA LEU A 23 -1.39 -1.05 -11.08
C LEU A 23 -1.54 -2.17 -12.13
N HIS A 24 -2.51 -3.03 -11.89
CA HIS A 24 -2.78 -4.13 -12.79
C HIS A 24 -3.39 -5.30 -12.02
N ILE A 25 -4.41 -5.89 -12.61
CA ILE A 25 -5.09 -7.01 -11.98
C ILE A 25 -4.06 -7.91 -11.31
N SER A 26 -4.01 -7.80 -9.99
CA SER A 26 -3.08 -8.60 -9.21
C SER A 26 -3.28 -8.34 -7.72
N ILE A 27 -4.54 -8.42 -7.30
CA ILE A 27 -4.88 -8.20 -5.92
C ILE A 27 -4.11 -9.18 -5.04
N LYS A 28 -3.79 -10.33 -5.62
CA LYS A 28 -3.06 -11.34 -4.91
C LYS A 28 -1.60 -10.90 -4.74
N THR A 29 -1.10 -10.23 -5.76
CA THR A 29 0.27 -9.74 -5.73
C THR A 29 0.44 -8.68 -4.64
N VAL A 30 -0.54 -7.79 -4.58
CA VAL A 30 -0.51 -6.72 -3.60
C VAL A 30 -0.46 -7.33 -2.18
N GLU A 31 -1.17 -8.43 -2.02
CA GLU A 31 -1.21 -9.12 -0.74
C GLU A 31 0.21 -9.47 -0.29
N THR A 32 0.96 -10.06 -1.20
CA THR A 32 2.33 -10.45 -0.91
C THR A 32 3.19 -9.22 -0.65
N HIS A 33 2.96 -8.20 -1.47
CA HIS A 33 3.70 -6.96 -1.35
C HIS A 33 3.45 -6.33 0.02
N ARG A 34 2.22 -6.51 0.50
CA ARG A 34 1.83 -5.98 1.79
C ARG A 34 2.74 -6.52 2.89
N MET A 35 2.82 -7.85 2.95
CA MET A 35 3.64 -8.51 3.95
C MET A 35 5.08 -7.97 3.91
N ASN A 36 5.50 -7.57 2.72
CA ASN A 36 6.83 -7.04 2.54
C ASN A 36 6.90 -5.62 3.11
N MET A 37 5.86 -4.85 2.81
CA MET A 37 5.78 -3.49 3.28
C MET A 37 5.66 -3.44 4.80
N MET A 38 4.80 -4.28 5.32
CA MET A 38 4.58 -4.35 6.76
C MET A 38 5.82 -4.90 7.48
N ARG A 39 6.65 -5.59 6.71
CA ARG A 39 7.86 -6.16 7.25
C ARG A 39 8.98 -5.11 7.31
N LYS A 40 9.09 -4.36 6.23
CA LYS A 40 10.10 -3.31 6.14
C LYS A 40 9.67 -2.13 6.99
N LEU A 41 8.46 -1.65 6.72
CA LEU A 41 7.92 -0.50 7.45
C LEU A 41 7.69 -0.91 8.91
N GLN A 42 7.49 -2.21 9.11
CA GLN A 42 7.27 -2.73 10.45
C GLN A 42 6.02 -2.09 11.06
N VAL A 43 5.12 -1.68 10.19
CA VAL A 43 3.88 -1.05 10.62
C VAL A 43 2.84 -2.14 10.92
N HIS A 44 1.59 -1.71 10.98
CA HIS A 44 0.50 -2.63 11.26
C HIS A 44 0.12 -3.36 9.97
N LYS A 45 -0.61 -2.66 9.12
CA LYS A 45 -1.04 -3.23 7.85
C LYS A 45 -0.99 -2.15 6.77
N VAL A 46 -1.81 -2.35 5.74
CA VAL A 46 -1.87 -1.41 4.64
C VAL A 46 -2.41 -0.07 5.14
N THR A 47 -3.24 -0.16 6.18
CA THR A 47 -3.83 1.04 6.76
C THR A 47 -2.75 1.87 7.46
N GLU A 48 -2.03 1.22 8.36
CA GLU A 48 -0.96 1.90 9.10
C GLU A 48 0.03 2.54 8.12
N LEU A 49 0.41 1.76 7.12
CA LEU A 49 1.35 2.24 6.12
C LEU A 49 0.74 3.43 5.38
N LEU A 50 -0.54 3.31 5.08
CA LEU A 50 -1.26 4.36 4.37
C LEU A 50 -1.00 5.70 5.06
N ASN A 51 -0.87 5.63 6.38
CA ASN A 51 -0.62 6.82 7.17
C ASN A 51 0.85 7.21 7.06
N CYS A 52 1.68 6.20 6.83
CA CYS A 52 3.10 6.42 6.70
C CYS A 52 3.35 7.26 5.45
N ALA A 53 2.98 6.70 4.31
CA ALA A 53 3.15 7.40 3.04
C ALA A 53 2.54 8.79 3.14
N ARG A 54 1.40 8.86 3.82
CA ARG A 54 0.71 10.12 3.98
C ARG A 54 1.55 11.07 4.85
N ARG A 55 1.86 10.61 6.05
CA ARG A 55 2.65 11.40 6.97
C ARG A 55 1.85 12.61 7.44
N MET A 56 0.63 12.35 7.86
CA MET A 56 -0.25 13.41 8.34
C MET A 56 -0.90 13.02 9.66
N ARG A 57 -1.63 11.92 9.62
CA ARG A 57 -2.31 11.42 10.82
C ARG A 57 -3.06 10.14 10.50
N LEU A 58 -4.00 10.24 9.56
CA LEU A 58 -4.79 9.09 9.16
C LEU A 58 -4.63 8.87 7.65
N ILE A 59 -5.44 9.57 6.89
CA ILE A 59 -5.40 9.45 5.44
C ILE A 59 -5.97 10.72 4.81
N GLU A 60 -7.21 11.02 5.20
CA GLU A 60 -7.88 12.21 4.68
C GLU A 60 -8.10 12.08 3.18
N TYR A 61 -8.62 10.92 2.79
CA TYR A 61 -8.88 10.66 1.37
C TYR A 61 -10.25 10.01 1.19
N LEU A 1 10.88 -0.80 -5.12
CA LEU A 1 10.22 -0.55 -6.40
C LEU A 1 8.78 -1.07 -6.32
N ARG A 2 8.66 -2.37 -6.10
CA ARG A 2 7.36 -3.00 -6.00
C ARG A 2 6.59 -2.47 -4.78
N GLU A 3 7.31 -2.36 -3.68
CA GLU A 3 6.72 -1.86 -2.45
C GLU A 3 6.74 -0.34 -2.43
N ARG A 4 7.43 0.23 -3.41
CA ARG A 4 7.54 1.68 -3.50
C ARG A 4 6.41 2.23 -4.37
N GLN A 5 6.10 1.49 -5.43
CA GLN A 5 5.04 1.90 -6.34
C GLN A 5 3.68 1.75 -5.68
N VAL A 6 3.52 0.65 -4.96
CA VAL A 6 2.27 0.38 -4.26
C VAL A 6 2.10 1.36 -3.11
N LEU A 7 3.10 1.37 -2.22
CA LEU A 7 3.07 2.25 -1.07
C LEU A 7 2.88 3.69 -1.56
N LYS A 8 3.18 3.90 -2.82
CA LYS A 8 3.05 5.23 -3.41
C LYS A 8 1.58 5.50 -3.72
N LEU A 9 0.97 4.57 -4.42
CA LEU A 9 -0.44 4.69 -4.78
C LEU A 9 -1.30 4.46 -3.54
N ILE A 10 -0.81 3.58 -2.68
CA ILE A 10 -1.52 3.24 -1.46
C ILE A 10 -1.56 4.47 -0.54
N ASP A 11 -0.43 5.18 -0.54
CA ASP A 11 -0.31 6.38 0.29
C ASP A 11 -1.40 7.38 -0.12
N GLU A 12 -1.57 7.52 -1.43
CA GLU A 12 -2.56 8.43 -1.96
C GLU A 12 -3.93 7.77 -2.02
N GLY A 13 -4.03 6.62 -1.35
CA GLY A 13 -5.27 5.88 -1.32
C GLY A 13 -5.31 4.83 -2.45
N TYR A 14 -5.60 3.60 -2.06
CA TYR A 14 -5.67 2.52 -3.02
C TYR A 14 -5.69 1.16 -2.31
N THR A 15 -6.86 0.81 -1.80
CA THR A 15 -7.02 -0.46 -1.11
C THR A 15 -6.28 -1.57 -1.84
N ASN A 16 -7.01 -2.26 -2.70
CA ASN A 16 -6.44 -3.35 -3.46
C ASN A 16 -7.07 -3.38 -4.86
N HIS A 17 -8.39 -3.32 -4.88
CA HIS A 17 -9.12 -3.32 -6.14
C HIS A 17 -8.51 -2.31 -7.09
N GLY A 18 -8.04 -1.21 -6.52
CA GLY A 18 -7.43 -0.15 -7.30
C GLY A 18 -5.99 -0.50 -7.69
N ILE A 19 -5.28 -1.05 -6.71
CA ILE A 19 -3.89 -1.43 -6.93
C ILE A 19 -3.82 -2.43 -8.11
N SER A 20 -4.88 -3.20 -8.24
CA SER A 20 -4.95 -4.19 -9.30
C SER A 20 -5.14 -3.49 -10.66
N GLU A 21 -6.12 -2.60 -10.69
CA GLU A 21 -6.41 -1.85 -11.90
C GLU A 21 -5.36 -0.77 -12.13
N LYS A 22 -4.57 -0.53 -11.08
CA LYS A 22 -3.54 0.49 -11.16
C LYS A 22 -2.23 -0.16 -11.63
N LEU A 23 -1.79 -1.15 -10.87
CA LEU A 23 -0.55 -1.86 -11.21
C LEU A 23 -0.86 -2.93 -12.26
N HIS A 24 -1.87 -3.73 -11.96
CA HIS A 24 -2.27 -4.79 -12.87
C HIS A 24 -3.04 -5.86 -12.10
N ILE A 25 -4.04 -6.42 -12.77
CA ILE A 25 -4.87 -7.44 -12.16
C ILE A 25 -3.98 -8.44 -11.42
N SER A 26 -4.00 -8.34 -10.10
CA SER A 26 -3.20 -9.23 -9.27
C SER A 26 -3.32 -8.82 -7.80
N ILE A 27 -4.55 -8.82 -7.32
CA ILE A 27 -4.83 -8.46 -5.94
C ILE A 27 -4.10 -9.43 -5.01
N LYS A 28 -3.86 -10.63 -5.54
CA LYS A 28 -3.18 -11.66 -4.76
C LYS A 28 -1.70 -11.30 -4.63
N THR A 29 -1.08 -11.07 -5.77
CA THR A 29 0.34 -10.71 -5.79
C THR A 29 0.61 -9.57 -4.81
N VAL A 30 -0.38 -8.70 -4.67
CA VAL A 30 -0.26 -7.56 -3.78
C VAL A 30 -0.19 -8.06 -2.33
N GLU A 31 -1.06 -9.00 -2.02
CA GLU A 31 -1.11 -9.56 -0.69
C GLU A 31 0.30 -9.92 -0.22
N THR A 32 1.07 -10.49 -1.13
CA THR A 32 2.42 -10.89 -0.82
C THR A 32 3.31 -9.65 -0.59
N HIS A 33 3.12 -8.66 -1.44
CA HIS A 33 3.88 -7.43 -1.35
C HIS A 33 3.55 -6.73 -0.02
N ARG A 34 2.26 -6.65 0.26
CA ARG A 34 1.80 -6.01 1.49
C ARG A 34 2.61 -6.52 2.68
N MET A 35 2.79 -7.83 2.71
CA MET A 35 3.53 -8.45 3.79
C MET A 35 4.97 -7.93 3.85
N ASN A 36 5.54 -7.72 2.67
CA ASN A 36 6.90 -7.22 2.57
C ASN A 36 6.91 -5.72 2.86
N MET A 37 5.93 -5.03 2.28
CA MET A 37 5.82 -3.59 2.48
C MET A 37 5.76 -3.24 3.97
N MET A 38 4.97 -4.02 4.69
CA MET A 38 4.82 -3.80 6.12
C MET A 38 6.07 -4.28 6.89
N ARG A 39 6.67 -5.33 6.36
CA ARG A 39 7.86 -5.89 6.98
C ARG A 39 9.09 -5.06 6.61
N LYS A 40 8.86 -4.06 5.76
CA LYS A 40 9.94 -3.19 5.32
C LYS A 40 10.06 -2.01 6.28
N LEU A 41 8.94 -1.31 6.45
CA LEU A 41 8.90 -0.16 7.33
C LEU A 41 8.49 -0.61 8.73
N GLN A 42 7.99 -1.84 8.80
CA GLN A 42 7.57 -2.40 10.08
C GLN A 42 6.32 -1.67 10.59
N VAL A 43 5.18 -2.05 10.02
CA VAL A 43 3.92 -1.45 10.41
C VAL A 43 2.98 -2.54 10.93
N HIS A 44 1.96 -2.81 10.13
CA HIS A 44 0.98 -3.83 10.50
C HIS A 44 0.26 -4.33 9.25
N LYS A 45 -0.67 -3.51 8.78
CA LYS A 45 -1.44 -3.84 7.60
C LYS A 45 -1.35 -2.70 6.59
N VAL A 46 -1.88 -2.96 5.40
CA VAL A 46 -1.86 -1.95 4.34
C VAL A 46 -2.48 -0.65 4.87
N THR A 47 -3.61 -0.81 5.57
CA THR A 47 -4.30 0.33 6.12
C THR A 47 -3.38 1.11 7.07
N GLU A 48 -2.78 0.37 7.99
CA GLU A 48 -1.88 0.97 8.96
C GLU A 48 -0.64 1.53 8.26
N LEU A 49 -0.03 0.67 7.45
CA LEU A 49 1.16 1.07 6.71
C LEU A 49 0.84 2.26 5.82
N LEU A 50 -0.39 2.28 5.34
CA LEU A 50 -0.85 3.35 4.47
C LEU A 50 -0.69 4.69 5.20
N ASN A 51 -1.05 4.68 6.47
CA ASN A 51 -0.95 5.87 7.29
C ASN A 51 0.52 6.23 7.51
N CYS A 52 1.35 5.20 7.41
CA CYS A 52 2.79 5.38 7.60
C CYS A 52 3.28 6.37 6.54
N ALA A 53 2.88 6.11 5.29
CA ALA A 53 3.29 6.95 4.19
C ALA A 53 2.72 8.36 4.40
N ARG A 54 1.46 8.41 4.80
CA ARG A 54 0.80 9.68 5.04
C ARG A 54 1.49 10.42 6.18
N ARG A 55 1.56 9.75 7.33
CA ARG A 55 2.18 10.34 8.50
C ARG A 55 1.44 11.61 8.92
N MET A 56 0.13 11.45 9.10
CA MET A 56 -0.71 12.57 9.50
C MET A 56 -0.65 13.69 8.47
N ARG A 57 -0.80 13.31 7.20
CA ARG A 57 -0.77 14.27 6.12
C ARG A 57 -2.17 14.49 5.56
N LEU A 58 -2.69 13.46 4.92
CA LEU A 58 -4.02 13.52 4.33
C LEU A 58 -4.71 12.17 4.52
N ILE A 59 -4.75 11.73 5.77
CA ILE A 59 -5.38 10.46 6.09
C ILE A 59 -6.90 10.58 5.89
N GLU A 60 -7.36 11.82 5.93
CA GLU A 60 -8.78 12.09 5.74
C GLU A 60 -9.22 11.70 4.33
N TYR A 61 -8.53 12.28 3.36
CA TYR A 61 -8.84 12.00 1.96
C TYR A 61 -8.78 10.50 1.67
N LEU A 1 11.31 -1.02 -4.35
CA LEU A 1 10.95 -1.01 -5.76
C LEU A 1 9.56 -1.64 -5.93
N ARG A 2 9.45 -2.87 -5.47
CA ARG A 2 8.19 -3.60 -5.57
C ARG A 2 7.14 -2.97 -4.66
N GLU A 3 7.55 -2.74 -3.42
CA GLU A 3 6.65 -2.15 -2.44
C GLU A 3 6.72 -0.62 -2.52
N ARG A 4 7.85 -0.13 -3.02
CA ARG A 4 8.06 1.30 -3.16
C ARG A 4 7.07 1.88 -4.18
N GLN A 5 6.76 1.07 -5.18
CA GLN A 5 5.84 1.49 -6.22
C GLN A 5 4.39 1.22 -5.80
N VAL A 6 4.21 0.09 -5.13
CA VAL A 6 2.89 -0.30 -4.66
C VAL A 6 2.50 0.57 -3.47
N LEU A 7 3.48 0.84 -2.62
CA LEU A 7 3.26 1.65 -1.44
C LEU A 7 2.80 3.04 -1.88
N LYS A 8 3.67 3.72 -2.62
CA LYS A 8 3.37 5.05 -3.10
C LYS A 8 1.95 5.07 -3.68
N LEU A 9 1.59 3.98 -4.34
CA LEU A 9 0.27 3.86 -4.93
C LEU A 9 -0.76 3.61 -3.83
N ILE A 10 -0.52 2.53 -3.08
CA ILE A 10 -1.41 2.17 -1.99
C ILE A 10 -1.66 3.38 -1.10
N ASP A 11 -0.69 4.29 -1.11
CA ASP A 11 -0.78 5.50 -0.31
C ASP A 11 -1.87 6.41 -0.89
N GLU A 12 -1.80 6.59 -2.21
CA GLU A 12 -2.77 7.43 -2.89
C GLU A 12 -4.19 6.99 -2.55
N GLY A 13 -4.39 5.68 -2.52
CA GLY A 13 -5.69 5.12 -2.22
C GLY A 13 -6.05 3.99 -3.17
N TYR A 14 -5.71 2.78 -2.77
CA TYR A 14 -5.99 1.60 -3.59
C TYR A 14 -5.88 0.32 -2.76
N THR A 15 -6.84 0.15 -1.86
CA THR A 15 -6.86 -1.03 -1.01
C THR A 15 -6.19 -2.21 -1.72
N ASN A 16 -6.95 -2.84 -2.60
CA ASN A 16 -6.45 -3.98 -3.34
C ASN A 16 -6.96 -3.90 -4.79
N HIS A 17 -8.27 -3.83 -4.92
CA HIS A 17 -8.88 -3.77 -6.23
C HIS A 17 -8.37 -2.52 -6.97
N GLY A 18 -7.80 -1.61 -6.21
CA GLY A 18 -7.26 -0.39 -6.78
C GLY A 18 -5.92 -0.65 -7.46
N ILE A 19 -5.06 -1.34 -6.75
CA ILE A 19 -3.74 -1.67 -7.28
C ILE A 19 -3.89 -2.64 -8.45
N SER A 20 -5.08 -3.19 -8.57
CA SER A 20 -5.37 -4.13 -9.65
C SER A 20 -5.77 -3.37 -10.92
N GLU A 21 -6.67 -2.41 -10.73
CA GLU A 21 -7.13 -1.60 -11.85
C GLU A 21 -6.17 -0.45 -12.12
N LYS A 22 -5.43 -0.09 -11.09
CA LYS A 22 -4.46 1.00 -11.20
C LYS A 22 -3.10 0.41 -11.61
N LEU A 23 -2.62 -0.52 -10.82
CA LEU A 23 -1.35 -1.16 -11.09
C LEU A 23 -1.53 -2.22 -12.18
N HIS A 24 -2.47 -3.11 -11.93
CA HIS A 24 -2.75 -4.18 -12.88
C HIS A 24 -3.41 -5.36 -12.15
N ILE A 25 -4.45 -5.89 -12.76
CA ILE A 25 -5.17 -7.02 -12.19
C ILE A 25 -4.16 -7.96 -11.52
N SER A 26 -4.04 -7.81 -10.20
CA SER A 26 -3.13 -8.65 -9.44
C SER A 26 -3.31 -8.38 -7.94
N ILE A 27 -4.56 -8.47 -7.50
CA ILE A 27 -4.88 -8.25 -6.11
C ILE A 27 -4.06 -9.22 -5.24
N LYS A 28 -3.74 -10.35 -5.83
CA LYS A 28 -2.97 -11.36 -5.12
C LYS A 28 -1.50 -10.90 -5.03
N THR A 29 -0.99 -10.44 -6.15
CA THR A 29 0.38 -9.97 -6.21
C THR A 29 0.65 -8.97 -5.09
N VAL A 30 -0.33 -8.11 -4.86
CA VAL A 30 -0.22 -7.10 -3.82
C VAL A 30 -0.12 -7.78 -2.45
N GLU A 31 -0.96 -8.80 -2.28
CA GLU A 31 -0.98 -9.54 -1.03
C GLU A 31 0.45 -9.86 -0.58
N THR A 32 1.25 -10.28 -1.54
CA THR A 32 2.64 -10.61 -1.26
C THR A 32 3.44 -9.35 -0.94
N HIS A 33 3.07 -8.27 -1.60
CA HIS A 33 3.75 -6.99 -1.39
C HIS A 33 3.36 -6.42 -0.03
N ARG A 34 2.12 -6.71 0.36
CA ARG A 34 1.60 -6.23 1.62
C ARG A 34 2.50 -6.70 2.77
N MET A 35 2.72 -8.01 2.81
CA MET A 35 3.54 -8.61 3.84
C MET A 35 4.96 -8.04 3.80
N ASN A 36 5.42 -7.76 2.59
CA ASN A 36 6.75 -7.22 2.39
C ASN A 36 6.83 -5.83 3.04
N MET A 37 5.83 -5.02 2.74
CA MET A 37 5.78 -3.67 3.28
C MET A 37 5.76 -3.68 4.81
N MET A 38 4.92 -4.56 5.35
CA MET A 38 4.80 -4.70 6.78
C MET A 38 6.09 -5.23 7.40
N ARG A 39 6.93 -5.79 6.54
CA ARG A 39 8.20 -6.35 6.99
C ARG A 39 9.29 -5.29 6.91
N LYS A 40 9.30 -4.57 5.80
CA LYS A 40 10.29 -3.51 5.60
C LYS A 40 9.98 -2.34 6.51
N LEU A 41 8.75 -1.83 6.38
CA LEU A 41 8.32 -0.71 7.19
C LEU A 41 8.15 -1.16 8.65
N GLN A 42 8.01 -2.47 8.81
CA GLN A 42 7.84 -3.04 10.14
C GLN A 42 6.66 -2.39 10.85
N VAL A 43 5.64 -2.06 10.07
CA VAL A 43 4.45 -1.43 10.62
C VAL A 43 3.42 -2.51 10.95
N HIS A 44 2.17 -2.08 11.05
CA HIS A 44 1.09 -3.00 11.35
C HIS A 44 0.58 -3.66 10.07
N LYS A 45 -0.34 -2.96 9.41
CA LYS A 45 -0.90 -3.47 8.17
C LYS A 45 -0.76 -2.40 7.08
N VAL A 46 -1.40 -2.67 5.95
CA VAL A 46 -1.35 -1.75 4.83
C VAL A 46 -1.99 -0.42 5.24
N THR A 47 -3.07 -0.54 6.01
CA THR A 47 -3.78 0.65 6.48
C THR A 47 -2.84 1.56 7.24
N GLU A 48 -2.22 1.01 8.27
CA GLU A 48 -1.29 1.77 9.09
C GLU A 48 -0.15 2.33 8.24
N LEU A 49 0.16 1.59 7.18
CA LEU A 49 1.23 2.01 6.27
C LEU A 49 0.75 3.21 5.45
N LEU A 50 -0.48 3.11 4.96
CA LEU A 50 -1.06 4.18 4.17
C LEU A 50 -0.85 5.51 4.88
N ASN A 51 -0.97 5.46 6.21
CA ASN A 51 -0.80 6.66 7.02
C ASN A 51 0.68 7.04 7.06
N CYS A 52 1.52 6.01 6.99
CA CYS A 52 2.96 6.21 7.02
C CYS A 52 3.33 7.13 5.86
N ALA A 53 2.95 6.72 4.67
CA ALA A 53 3.23 7.49 3.47
C ALA A 53 2.64 8.89 3.62
N ARG A 54 1.47 8.94 4.23
CA ARG A 54 0.79 10.21 4.45
C ARG A 54 1.67 11.15 5.28
N ARG A 55 2.15 10.62 6.38
CA ARG A 55 3.01 11.39 7.27
C ARG A 55 2.22 12.58 7.86
N MET A 56 0.99 12.29 8.24
CA MET A 56 0.13 13.32 8.81
C MET A 56 -0.98 12.69 9.65
N ARG A 57 -1.57 11.64 9.11
CA ARG A 57 -2.64 10.94 9.80
C ARG A 57 -3.90 11.80 9.83
N LEU A 58 -4.32 12.22 8.64
CA LEU A 58 -5.51 13.05 8.52
C LEU A 58 -6.65 12.22 7.93
N ILE A 59 -6.36 11.60 6.80
CA ILE A 59 -7.34 10.76 6.13
C ILE A 59 -8.49 11.65 5.61
N GLU A 60 -8.11 12.62 4.81
CA GLU A 60 -9.08 13.55 4.25
C GLU A 60 -9.16 13.38 2.72
N TYR A 61 -8.03 13.63 2.08
CA TYR A 61 -7.96 13.50 0.63
C TYR A 61 -9.25 14.01 -0.03
N LEU A 1 11.47 -1.88 -4.22
CA LEU A 1 10.97 -1.55 -5.54
C LEU A 1 9.47 -1.82 -5.61
N ARG A 2 9.11 -3.07 -5.39
CA ARG A 2 7.72 -3.47 -5.42
C ARG A 2 6.94 -2.78 -4.30
N GLU A 3 7.48 -2.89 -3.09
CA GLU A 3 6.86 -2.29 -1.93
C GLU A 3 6.77 -0.78 -2.11
N ARG A 4 7.90 -0.18 -2.46
CA ARG A 4 7.97 1.26 -2.66
C ARG A 4 7.05 1.67 -3.81
N GLN A 5 6.91 0.77 -4.77
CA GLN A 5 6.06 1.03 -5.92
C GLN A 5 4.59 0.98 -5.52
N VAL A 6 4.20 -0.15 -4.95
CA VAL A 6 2.83 -0.34 -4.51
C VAL A 6 2.51 0.63 -3.37
N LEU A 7 3.50 0.80 -2.50
CA LEU A 7 3.34 1.70 -1.36
C LEU A 7 3.04 3.10 -1.88
N LYS A 8 3.62 3.43 -3.02
CA LYS A 8 3.42 4.74 -3.62
C LYS A 8 1.95 4.92 -3.94
N LEU A 9 1.39 3.93 -4.62
CA LEU A 9 -0.02 3.97 -4.99
C LEU A 9 -0.88 3.76 -3.75
N ILE A 10 -0.57 2.70 -3.02
CA ILE A 10 -1.31 2.38 -1.82
C ILE A 10 -1.40 3.62 -0.93
N ASP A 11 -0.36 4.43 -1.01
CA ASP A 11 -0.31 5.66 -0.22
C ASP A 11 -1.41 6.61 -0.69
N GLU A 12 -1.52 6.73 -2.01
CA GLU A 12 -2.52 7.60 -2.60
C GLU A 12 -3.93 7.15 -2.18
N GLY A 13 -4.22 5.88 -2.46
CA GLY A 13 -5.51 5.32 -2.11
C GLY A 13 -5.99 4.36 -3.20
N TYR A 14 -6.23 3.13 -2.79
CA TYR A 14 -6.70 2.11 -3.72
C TYR A 14 -7.36 0.94 -2.97
N THR A 15 -6.75 0.59 -1.85
CA THR A 15 -7.26 -0.50 -1.03
C THR A 15 -6.78 -1.85 -1.58
N ASN A 16 -7.04 -2.07 -2.85
CA ASN A 16 -6.63 -3.31 -3.49
C ASN A 16 -7.18 -3.34 -4.93
N HIS A 17 -8.49 -3.15 -5.04
CA HIS A 17 -9.14 -3.15 -6.33
C HIS A 17 -8.45 -2.15 -7.25
N GLY A 18 -8.23 -0.96 -6.72
CA GLY A 18 -7.58 0.10 -7.48
C GLY A 18 -6.20 -0.36 -7.97
N ILE A 19 -5.42 -0.90 -7.05
CA ILE A 19 -4.08 -1.36 -7.38
C ILE A 19 -4.17 -2.32 -8.57
N SER A 20 -5.26 -3.06 -8.61
CA SER A 20 -5.47 -4.01 -9.69
C SER A 20 -5.79 -3.27 -10.99
N GLU A 21 -6.27 -2.05 -10.84
CA GLU A 21 -6.63 -1.23 -11.99
C GLU A 21 -5.41 -0.42 -12.46
N LYS A 22 -4.55 -0.11 -11.50
CA LYS A 22 -3.34 0.65 -11.80
C LYS A 22 -2.21 -0.32 -12.12
N LEU A 23 -1.99 -1.24 -11.20
CA LEU A 23 -0.93 -2.22 -11.36
C LEU A 23 -1.44 -3.38 -12.22
N HIS A 24 -2.74 -3.36 -12.46
CA HIS A 24 -3.36 -4.40 -13.26
C HIS A 24 -3.80 -5.56 -12.37
N ILE A 25 -4.78 -6.30 -12.85
CA ILE A 25 -5.30 -7.44 -12.10
C ILE A 25 -4.13 -8.15 -11.40
N SER A 26 -4.05 -7.93 -10.10
CA SER A 26 -3.00 -8.54 -9.31
C SER A 26 -3.18 -8.17 -7.83
N ILE A 27 -4.41 -8.31 -7.36
CA ILE A 27 -4.73 -8.00 -5.98
C ILE A 27 -4.00 -8.98 -5.06
N LYS A 28 -3.90 -10.22 -5.53
CA LYS A 28 -3.23 -11.26 -4.77
C LYS A 28 -1.77 -10.86 -4.53
N THR A 29 -1.17 -10.31 -5.57
CA THR A 29 0.22 -9.88 -5.49
C THR A 29 0.38 -8.80 -4.42
N VAL A 30 -0.61 -7.92 -4.36
CA VAL A 30 -0.59 -6.83 -3.39
C VAL A 30 -0.42 -7.43 -1.98
N GLU A 31 -1.12 -8.52 -1.75
CA GLU A 31 -1.06 -9.19 -0.47
C GLU A 31 0.38 -9.56 -0.12
N THR A 32 1.04 -10.22 -1.07
CA THR A 32 2.42 -10.64 -0.88
C THR A 32 3.31 -9.41 -0.64
N HIS A 33 2.91 -8.31 -1.26
CA HIS A 33 3.67 -7.07 -1.12
C HIS A 33 3.49 -6.51 0.29
N ARG A 34 2.27 -6.63 0.79
CA ARG A 34 1.95 -6.15 2.12
C ARG A 34 2.97 -6.67 3.14
N MET A 35 3.23 -7.98 3.06
CA MET A 35 4.18 -8.61 3.95
C MET A 35 5.58 -8.04 3.76
N ASN A 36 5.93 -7.83 2.50
CA ASN A 36 7.24 -7.29 2.16
C ASN A 36 7.35 -5.86 2.70
N MET A 37 6.27 -5.12 2.51
CA MET A 37 6.23 -3.73 2.95
C MET A 37 6.39 -3.65 4.48
N MET A 38 5.50 -4.34 5.18
CA MET A 38 5.54 -4.35 6.62
C MET A 38 6.86 -4.93 7.14
N ARG A 39 7.59 -5.55 6.23
CA ARG A 39 8.87 -6.15 6.58
C ARG A 39 9.93 -5.05 6.77
N LYS A 40 9.98 -4.15 5.80
CA LYS A 40 10.94 -3.05 5.85
C LYS A 40 10.30 -1.87 6.58
N LEU A 41 9.06 -1.57 6.20
CA LEU A 41 8.34 -0.47 6.79
C LEU A 41 8.13 -0.75 8.28
N GLN A 42 7.45 -1.84 8.56
CA GLN A 42 7.18 -2.23 9.94
C GLN A 42 5.94 -1.50 10.46
N VAL A 43 4.96 -1.36 9.58
CA VAL A 43 3.72 -0.68 9.95
C VAL A 43 2.71 -1.71 10.45
N HIS A 44 1.45 -1.50 10.07
CA HIS A 44 0.39 -2.39 10.48
C HIS A 44 -0.22 -3.05 9.24
N LYS A 45 -0.94 -2.25 8.48
CA LYS A 45 -1.58 -2.76 7.27
C LYS A 45 -1.61 -1.65 6.22
N VAL A 46 -2.60 -1.72 5.36
CA VAL A 46 -2.75 -0.73 4.30
C VAL A 46 -3.18 0.60 4.90
N THR A 47 -4.02 0.50 5.91
CA THR A 47 -4.52 1.70 6.60
C THR A 47 -3.37 2.43 7.29
N GLU A 48 -2.71 1.71 8.18
CA GLU A 48 -1.59 2.27 8.93
C GLU A 48 -0.48 2.69 7.97
N LEU A 49 -0.15 1.78 7.06
CA LEU A 49 0.89 2.05 6.09
C LEU A 49 0.56 3.33 5.32
N LEU A 50 -0.73 3.52 5.06
CA LEU A 50 -1.19 4.69 4.34
C LEU A 50 -0.79 5.95 5.13
N ASN A 51 -0.87 5.83 6.44
CA ASN A 51 -0.53 6.94 7.32
C ASN A 51 0.99 7.09 7.38
N CYS A 52 1.67 6.06 6.91
CA CYS A 52 3.13 6.07 6.90
C CYS A 52 3.60 6.84 5.67
N ALA A 53 3.15 6.38 4.50
CA ALA A 53 3.51 7.02 3.25
C ALA A 53 2.90 8.41 3.20
N ARG A 54 1.60 8.47 3.44
CA ARG A 54 0.90 9.74 3.42
C ARG A 54 1.45 10.67 4.51
N ARG A 55 1.40 10.17 5.74
CA ARG A 55 1.90 10.94 6.87
C ARG A 55 1.13 12.26 6.99
N MET A 56 -0.19 12.14 6.96
CA MET A 56 -1.04 13.32 7.06
C MET A 56 -1.68 13.41 8.45
N ARG A 57 -2.58 12.47 8.72
CA ARG A 57 -3.27 12.45 10.00
C ARG A 57 -3.64 11.01 10.36
N LEU A 58 -4.46 10.42 9.51
CA LEU A 58 -4.91 9.05 9.73
C LEU A 58 -5.12 8.37 8.37
N ILE A 59 -6.19 8.76 7.70
CA ILE A 59 -6.52 8.20 6.41
C ILE A 59 -7.57 9.07 5.72
N GLU A 60 -7.34 10.38 5.79
CA GLU A 60 -8.25 11.33 5.19
C GLU A 60 -7.47 12.36 4.36
N TYR A 61 -6.49 11.85 3.62
CA TYR A 61 -5.67 12.71 2.78
C TYR A 61 -6.52 13.77 2.08
N LEU A 1 11.28 -1.38 -4.38
CA LEU A 1 11.03 -1.64 -5.80
C LEU A 1 9.59 -2.13 -5.98
N ARG A 2 9.30 -3.23 -5.32
CA ARG A 2 7.97 -3.82 -5.40
C ARG A 2 7.05 -3.19 -4.35
N GLU A 3 7.62 -2.96 -3.18
CA GLU A 3 6.86 -2.37 -2.08
C GLU A 3 6.79 -0.85 -2.25
N ARG A 4 7.75 -0.32 -3.00
CA ARG A 4 7.82 1.11 -3.24
C ARG A 4 6.76 1.52 -4.27
N GLN A 5 6.76 0.80 -5.38
CA GLN A 5 5.80 1.08 -6.45
C GLN A 5 4.37 1.01 -5.91
N VAL A 6 4.10 -0.06 -5.18
CA VAL A 6 2.78 -0.26 -4.61
C VAL A 6 2.54 0.79 -3.52
N LEU A 7 3.49 0.88 -2.61
CA LEU A 7 3.39 1.84 -1.52
C LEU A 7 3.20 3.24 -2.10
N LYS A 8 3.60 3.39 -3.36
CA LYS A 8 3.47 4.67 -4.04
C LYS A 8 2.01 4.92 -4.39
N LEU A 9 1.42 3.93 -5.03
CA LEU A 9 0.02 4.02 -5.43
C LEU A 9 -0.87 3.85 -4.21
N ILE A 10 -0.40 3.05 -3.26
CA ILE A 10 -1.14 2.80 -2.05
C ILE A 10 -1.07 4.04 -1.15
N ASP A 11 0.07 4.72 -1.21
CA ASP A 11 0.27 5.91 -0.42
C ASP A 11 -0.81 6.94 -0.75
N GLU A 12 -1.04 7.10 -2.06
CA GLU A 12 -2.04 8.05 -2.52
C GLU A 12 -3.37 7.33 -2.75
N GLY A 13 -3.58 6.28 -1.98
CA GLY A 13 -4.80 5.50 -2.09
C GLY A 13 -4.96 4.90 -3.49
N TYR A 14 -5.83 3.92 -3.58
CA TYR A 14 -6.09 3.26 -4.85
C TYR A 14 -7.07 2.10 -4.69
N THR A 15 -6.85 1.33 -3.64
CA THR A 15 -7.70 0.19 -3.35
C THR A 15 -7.27 -1.02 -4.18
N ASN A 16 -7.26 -2.18 -3.53
CA ASN A 16 -6.87 -3.41 -4.19
C ASN A 16 -7.50 -3.45 -5.59
N HIS A 17 -8.70 -2.93 -5.68
CA HIS A 17 -9.42 -2.89 -6.95
C HIS A 17 -8.62 -2.07 -7.96
N GLY A 18 -8.24 -0.88 -7.54
CA GLY A 18 -7.47 0.00 -8.39
C GLY A 18 -6.04 -0.51 -8.59
N ILE A 19 -5.40 -0.84 -7.47
CA ILE A 19 -4.04 -1.34 -7.51
C ILE A 19 -3.94 -2.44 -8.56
N SER A 20 -5.03 -3.18 -8.71
CA SER A 20 -5.09 -4.26 -9.68
C SER A 20 -5.07 -3.70 -11.10
N GLU A 21 -5.89 -2.68 -11.30
CA GLU A 21 -5.98 -2.04 -12.60
C GLU A 21 -4.65 -1.37 -12.96
N LYS A 22 -3.89 -1.04 -11.93
CA LYS A 22 -2.60 -0.41 -12.12
C LYS A 22 -1.51 -1.47 -12.20
N LEU A 23 -1.48 -2.33 -11.20
CA LEU A 23 -0.50 -3.40 -11.14
C LEU A 23 -1.07 -4.64 -11.83
N HIS A 24 -2.01 -4.40 -12.74
CA HIS A 24 -2.64 -5.49 -13.48
C HIS A 24 -3.34 -6.43 -12.49
N ILE A 25 -4.45 -6.97 -12.95
CA ILE A 25 -5.24 -7.89 -12.12
C ILE A 25 -4.27 -8.77 -11.31
N SER A 26 -4.14 -8.42 -10.05
CA SER A 26 -3.26 -9.17 -9.16
C SER A 26 -3.50 -8.75 -7.70
N ILE A 27 -4.78 -8.63 -7.36
CA ILE A 27 -5.16 -8.24 -6.02
C ILE A 27 -4.45 -9.15 -5.01
N LYS A 28 -4.25 -10.39 -5.42
CA LYS A 28 -3.58 -11.36 -4.57
C LYS A 28 -2.10 -10.98 -4.43
N THR A 29 -1.50 -10.64 -5.56
CA THR A 29 -0.10 -10.27 -5.58
C THR A 29 0.17 -9.16 -4.55
N VAL A 30 -0.76 -8.22 -4.49
CA VAL A 30 -0.64 -7.11 -3.56
C VAL A 30 -0.56 -7.65 -2.13
N GLU A 31 -1.47 -8.58 -1.84
CA GLU A 31 -1.51 -9.18 -0.51
C GLU A 31 -0.09 -9.56 -0.06
N THR A 32 0.65 -10.14 -0.99
CA THR A 32 2.01 -10.55 -0.71
C THR A 32 2.92 -9.34 -0.55
N HIS A 33 2.70 -8.35 -1.41
CA HIS A 33 3.48 -7.13 -1.38
C HIS A 33 3.21 -6.37 -0.09
N ARG A 34 1.97 -6.48 0.38
CA ARG A 34 1.57 -5.81 1.60
C ARG A 34 2.46 -6.26 2.77
N MET A 35 2.51 -7.57 2.94
CA MET A 35 3.32 -8.15 4.01
C MET A 35 4.77 -7.67 3.93
N ASN A 36 5.22 -7.48 2.70
CA ASN A 36 6.58 -7.03 2.46
C ASN A 36 6.73 -5.59 2.94
N MET A 37 5.76 -4.77 2.55
CA MET A 37 5.77 -3.37 2.94
C MET A 37 5.83 -3.22 4.46
N MET A 38 4.95 -3.96 5.12
CA MET A 38 4.88 -3.91 6.57
C MET A 38 6.22 -4.30 7.19
N ARG A 39 6.73 -5.45 6.75
CA ARG A 39 8.00 -5.94 7.26
C ARG A 39 9.16 -5.12 6.70
N LYS A 40 8.81 -4.17 5.84
CA LYS A 40 9.80 -3.31 5.22
C LYS A 40 9.99 -2.06 6.07
N LEU A 41 8.89 -1.36 6.30
CA LEU A 41 8.92 -0.15 7.10
C LEU A 41 8.68 -0.50 8.57
N GLN A 42 7.94 -1.58 8.77
CA GLN A 42 7.62 -2.04 10.12
C GLN A 42 6.37 -1.33 10.63
N VAL A 43 5.28 -1.50 9.89
CA VAL A 43 4.02 -0.90 10.26
C VAL A 43 3.02 -2.00 10.64
N HIS A 44 1.77 -1.59 10.79
CA HIS A 44 0.72 -2.52 11.15
C HIS A 44 0.18 -3.19 9.89
N LYS A 45 -0.66 -2.46 9.17
CA LYS A 45 -1.24 -2.97 7.95
C LYS A 45 -1.03 -1.97 6.81
N VAL A 46 -1.97 -1.95 5.88
CA VAL A 46 -1.89 -1.05 4.76
C VAL A 46 -2.43 0.32 5.16
N THR A 47 -3.32 0.31 6.15
CA THR A 47 -3.92 1.54 6.64
C THR A 47 -2.85 2.43 7.27
N GLU A 48 -2.24 1.91 8.33
CA GLU A 48 -1.20 2.66 9.03
C GLU A 48 -0.10 3.06 8.07
N LEU A 49 -0.03 2.34 6.95
CA LEU A 49 0.98 2.62 5.94
C LEU A 49 0.57 3.86 5.14
N LEU A 50 -0.70 3.90 4.79
CA LEU A 50 -1.23 5.02 4.03
C LEU A 50 -0.86 6.33 4.74
N ASN A 51 -0.87 6.28 6.06
CA ASN A 51 -0.55 7.44 6.87
C ASN A 51 0.97 7.60 6.94
N CYS A 52 1.66 6.47 6.76
CA CYS A 52 3.11 6.48 6.80
C CYS A 52 3.62 7.25 5.58
N ALA A 53 2.92 7.10 4.48
CA ALA A 53 3.29 7.78 3.25
C ALA A 53 2.63 9.16 3.21
N ARG A 54 1.34 9.18 3.47
CA ARG A 54 0.59 10.42 3.47
C ARG A 54 1.06 11.33 4.61
N ARG A 55 1.02 10.78 5.82
CA ARG A 55 1.44 11.51 6.99
C ARG A 55 0.47 12.67 7.26
N MET A 56 -0.75 12.30 7.60
CA MET A 56 -1.77 13.29 7.89
C MET A 56 -2.04 13.37 9.40
N ARG A 57 -2.27 12.22 9.99
CA ARG A 57 -2.53 12.15 11.42
C ARG A 57 -2.92 10.72 11.83
N LEU A 58 -3.63 10.06 10.93
CA LEU A 58 -4.07 8.69 11.17
C LEU A 58 -4.67 8.12 9.89
N ILE A 59 -5.76 8.73 9.45
CA ILE A 59 -6.44 8.29 8.25
C ILE A 59 -7.53 9.31 7.88
N GLU A 60 -7.08 10.48 7.47
CA GLU A 60 -8.01 11.53 7.09
C GLU A 60 -8.10 11.64 5.57
N TYR A 61 -6.92 11.69 4.94
CA TYR A 61 -6.86 11.80 3.49
C TYR A 61 -7.80 10.79 2.83
N LEU A 1 11.35 -0.27 -4.33
CA LEU A 1 11.13 -0.33 -5.77
C LEU A 1 9.74 -0.93 -6.04
N ARG A 2 9.61 -2.20 -5.68
CA ARG A 2 8.36 -2.91 -5.87
C ARG A 2 7.28 -2.34 -4.95
N GLU A 3 7.65 -2.17 -3.70
CA GLU A 3 6.73 -1.63 -2.71
C GLU A 3 6.66 -0.11 -2.82
N ARG A 4 7.73 0.46 -3.34
CA ARG A 4 7.82 1.91 -3.51
C ARG A 4 6.76 2.39 -4.50
N GLN A 5 6.54 1.57 -5.51
CA GLN A 5 5.57 1.90 -6.54
C GLN A 5 4.15 1.68 -6.02
N VAL A 6 3.97 0.54 -5.36
CA VAL A 6 2.67 0.19 -4.81
C VAL A 6 2.37 1.10 -3.62
N LEU A 7 3.35 1.24 -2.75
CA LEU A 7 3.21 2.07 -1.57
C LEU A 7 2.83 3.49 -2.01
N LYS A 8 3.27 3.85 -3.20
CA LYS A 8 3.00 5.17 -3.74
C LYS A 8 1.49 5.30 -4.00
N LEU A 9 0.96 4.34 -4.74
CA LEU A 9 -0.46 4.34 -5.07
C LEU A 9 -1.26 4.01 -3.81
N ILE A 10 -0.85 2.93 -3.16
CA ILE A 10 -1.52 2.49 -1.95
C ILE A 10 -1.73 3.69 -1.01
N ASP A 11 -0.83 4.66 -1.14
CA ASP A 11 -0.90 5.86 -0.32
C ASP A 11 -2.06 6.73 -0.81
N GLU A 12 -2.17 6.83 -2.13
CA GLU A 12 -3.22 7.62 -2.74
C GLU A 12 -4.60 7.06 -2.38
N GLY A 13 -4.79 5.79 -2.73
CA GLY A 13 -6.05 5.12 -2.45
C GLY A 13 -6.37 4.09 -3.52
N TYR A 14 -6.46 2.84 -3.09
CA TYR A 14 -6.77 1.75 -4.01
C TYR A 14 -7.18 0.49 -3.25
N THR A 15 -6.40 0.18 -2.21
CA THR A 15 -6.67 -0.99 -1.40
C THR A 15 -6.21 -2.26 -2.13
N ASN A 16 -7.02 -2.69 -3.08
CA ASN A 16 -6.71 -3.87 -3.86
C ASN A 16 -7.35 -3.77 -5.24
N HIS A 17 -8.67 -3.64 -5.24
CA HIS A 17 -9.41 -3.54 -6.48
C HIS A 17 -8.84 -2.39 -7.32
N GLY A 18 -8.30 -1.40 -6.62
CA GLY A 18 -7.71 -0.24 -7.28
C GLY A 18 -6.27 -0.53 -7.71
N ILE A 19 -5.55 -1.23 -6.86
CA ILE A 19 -4.18 -1.58 -7.14
C ILE A 19 -4.14 -2.64 -8.25
N SER A 20 -5.31 -3.18 -8.55
CA SER A 20 -5.43 -4.20 -9.57
C SER A 20 -5.61 -3.55 -10.94
N GLU A 21 -6.60 -2.66 -11.01
CA GLU A 21 -6.88 -1.96 -12.26
C GLU A 21 -5.75 -0.99 -12.60
N LYS A 22 -4.98 -0.65 -11.57
CA LYS A 22 -3.87 0.27 -11.75
C LYS A 22 -2.59 -0.54 -12.01
N LEU A 23 -2.31 -1.46 -11.10
CA LEU A 23 -1.13 -2.30 -11.22
C LEU A 23 -1.52 -3.61 -11.90
N HIS A 24 -2.55 -3.54 -12.73
CA HIS A 24 -3.03 -4.71 -13.43
C HIS A 24 -3.44 -5.78 -12.43
N ILE A 25 -4.43 -6.57 -12.83
CA ILE A 25 -4.93 -7.63 -11.97
C ILE A 25 -3.77 -8.27 -11.22
N SER A 26 -3.83 -8.16 -9.89
CA SER A 26 -2.79 -8.72 -9.04
C SER A 26 -3.07 -8.38 -7.59
N ILE A 27 -4.32 -8.55 -7.20
CA ILE A 27 -4.74 -8.27 -5.85
C ILE A 27 -3.95 -9.17 -4.88
N LYS A 28 -3.83 -10.43 -5.27
CA LYS A 28 -3.11 -11.40 -4.46
C LYS A 28 -1.64 -10.96 -4.35
N THR A 29 -1.12 -10.49 -5.46
CA THR A 29 0.27 -10.05 -5.51
C THR A 29 0.51 -8.98 -4.45
N VAL A 30 -0.46 -8.10 -4.30
CA VAL A 30 -0.37 -7.02 -3.32
C VAL A 30 -0.34 -7.62 -1.92
N GLU A 31 -1.01 -8.74 -1.76
CA GLU A 31 -1.07 -9.42 -0.48
C GLU A 31 0.33 -9.75 0.01
N THR A 32 1.11 -10.35 -0.88
CA THR A 32 2.47 -10.72 -0.55
C THR A 32 3.34 -9.47 -0.37
N HIS A 33 3.25 -8.58 -1.35
CA HIS A 33 4.02 -7.35 -1.32
C HIS A 33 3.66 -6.56 -0.04
N ARG A 34 2.36 -6.52 0.24
CA ARG A 34 1.88 -5.81 1.41
C ARG A 34 2.68 -6.22 2.66
N MET A 35 2.88 -7.52 2.79
CA MET A 35 3.61 -8.05 3.91
C MET A 35 5.05 -7.51 3.94
N ASN A 36 5.63 -7.42 2.75
CA ASN A 36 6.99 -6.92 2.62
C ASN A 36 7.08 -5.53 3.25
N MET A 37 6.14 -4.68 2.86
CA MET A 37 6.10 -3.32 3.37
C MET A 37 5.97 -3.32 4.90
N MET A 38 5.18 -4.26 5.40
CA MET A 38 4.96 -4.37 6.83
C MET A 38 6.23 -4.85 7.54
N ARG A 39 7.16 -5.36 6.74
CA ARG A 39 8.41 -5.85 7.28
C ARG A 39 9.47 -4.74 7.26
N LYS A 40 9.32 -3.84 6.31
CA LYS A 40 10.25 -2.73 6.18
C LYS A 40 9.75 -1.55 7.02
N LEU A 41 8.52 -1.16 6.77
CA LEU A 41 7.92 -0.05 7.51
C LEU A 41 7.61 -0.50 8.93
N GLN A 42 7.46 -1.81 9.10
CA GLN A 42 7.17 -2.38 10.41
C GLN A 42 5.80 -1.91 10.89
N VAL A 43 4.99 -1.45 9.94
CA VAL A 43 3.65 -0.99 10.25
C VAL A 43 2.77 -2.18 10.62
N HIS A 44 1.48 -2.00 10.42
CA HIS A 44 0.52 -3.05 10.74
C HIS A 44 -0.01 -3.66 9.43
N LYS A 45 -0.59 -2.82 8.61
CA LYS A 45 -1.14 -3.27 7.33
C LYS A 45 -1.19 -2.09 6.37
N VAL A 46 -2.12 -2.19 5.42
CA VAL A 46 -2.28 -1.15 4.42
C VAL A 46 -2.83 0.10 5.09
N THR A 47 -3.69 -0.12 6.07
CA THR A 47 -4.31 0.98 6.80
C THR A 47 -3.23 1.84 7.47
N GLU A 48 -2.40 1.18 8.27
CA GLU A 48 -1.34 1.86 8.98
C GLU A 48 -0.30 2.38 7.98
N LEU A 49 -0.10 1.61 6.92
CA LEU A 49 0.86 1.97 5.89
C LEU A 49 0.44 3.29 5.24
N LEU A 50 -0.84 3.37 4.94
CA LEU A 50 -1.39 4.57 4.32
C LEU A 50 -1.04 5.79 5.18
N ASN A 51 -1.20 5.62 6.49
CA ASN A 51 -0.90 6.69 7.42
C ASN A 51 0.60 6.98 7.40
N CYS A 52 1.36 5.99 6.94
CA CYS A 52 2.80 6.12 6.86
C CYS A 52 3.15 6.92 5.60
N ALA A 53 2.69 6.40 4.48
CA ALA A 53 2.94 7.05 3.20
C ALA A 53 2.20 8.39 3.16
N ARG A 54 1.10 8.44 3.88
CA ARG A 54 0.29 9.65 3.94
C ARG A 54 1.05 10.76 4.67
N ARG A 55 1.35 10.49 5.93
CA ARG A 55 2.07 11.45 6.75
C ARG A 55 2.20 10.94 8.19
N MET A 56 1.05 10.64 8.78
CA MET A 56 1.01 10.13 10.14
C MET A 56 -0.39 10.26 10.74
N ARG A 57 -1.13 11.23 10.22
CA ARG A 57 -2.49 11.47 10.69
C ARG A 57 -3.39 10.27 10.35
N LEU A 58 -3.54 10.03 9.06
CA LEU A 58 -4.36 8.93 8.60
C LEU A 58 -4.43 8.95 7.08
N ILE A 59 -5.18 9.92 6.56
CA ILE A 59 -5.34 10.07 5.13
C ILE A 59 -6.15 11.33 4.82
N GLU A 60 -5.75 12.41 5.48
CA GLU A 60 -6.43 13.68 5.29
C GLU A 60 -6.49 14.04 3.81
N TYR A 61 -5.57 13.47 3.05
CA TYR A 61 -5.49 13.71 1.63
C TYR A 61 -6.72 13.15 0.90
N LEU A 1 10.90 -0.68 -5.09
CA LEU A 1 10.55 -0.61 -6.50
C LEU A 1 9.13 -1.14 -6.69
N ARG A 2 8.98 -2.44 -6.51
CA ARG A 2 7.68 -3.08 -6.66
C ARG A 2 6.76 -2.67 -5.51
N GLU A 3 7.28 -2.77 -4.30
CA GLU A 3 6.52 -2.42 -3.12
C GLU A 3 6.46 -0.90 -2.95
N ARG A 4 7.41 -0.24 -3.60
CA ARG A 4 7.48 1.21 -3.53
C ARG A 4 6.35 1.84 -4.33
N GLN A 5 6.16 1.33 -5.54
CA GLN A 5 5.12 1.83 -6.42
C GLN A 5 3.74 1.50 -5.83
N VAL A 6 3.64 0.32 -5.26
CA VAL A 6 2.39 -0.12 -4.66
C VAL A 6 2.04 0.79 -3.48
N LEU A 7 3.09 1.19 -2.76
CA LEU A 7 2.90 2.06 -1.61
C LEU A 7 2.49 3.45 -2.08
N LYS A 8 2.95 3.80 -3.27
CA LYS A 8 2.63 5.10 -3.86
C LYS A 8 1.11 5.22 -4.03
N LEU A 9 0.57 4.26 -4.76
CA LEU A 9 -0.87 4.24 -5.00
C LEU A 9 -1.61 4.09 -3.68
N ILE A 10 -1.07 3.23 -2.83
CA ILE A 10 -1.67 2.98 -1.52
C ILE A 10 -1.76 4.30 -0.75
N ASP A 11 -0.66 5.04 -0.78
CA ASP A 11 -0.61 6.31 -0.08
C ASP A 11 -1.82 7.16 -0.49
N GLU A 12 -2.17 7.07 -1.76
CA GLU A 12 -3.29 7.81 -2.29
C GLU A 12 -4.55 6.95 -2.28
N GLY A 13 -4.58 6.02 -1.34
CA GLY A 13 -5.72 5.12 -1.20
C GLY A 13 -5.76 4.12 -2.36
N TYR A 14 -6.00 2.86 -2.01
CA TYR A 14 -6.07 1.80 -2.99
C TYR A 14 -6.14 0.42 -2.33
N THR A 15 -7.32 0.09 -1.84
CA THR A 15 -7.53 -1.18 -1.19
C THR A 15 -6.71 -2.28 -1.86
N ASN A 16 -7.34 -2.93 -2.83
CA ASN A 16 -6.68 -4.00 -3.57
C ASN A 16 -7.24 -4.05 -4.99
N HIS A 17 -8.56 -4.05 -5.08
CA HIS A 17 -9.22 -4.09 -6.38
C HIS A 17 -8.60 -3.04 -7.30
N GLY A 18 -8.20 -1.93 -6.70
CA GLY A 18 -7.59 -0.85 -7.46
C GLY A 18 -6.16 -1.19 -7.84
N ILE A 19 -5.38 -1.59 -6.85
CA ILE A 19 -3.99 -1.95 -7.07
C ILE A 19 -3.90 -2.89 -8.28
N SER A 20 -4.99 -3.62 -8.50
CA SER A 20 -5.05 -4.55 -9.61
C SER A 20 -5.22 -3.79 -10.93
N GLU A 21 -6.20 -2.90 -10.94
CA GLU A 21 -6.48 -2.11 -12.13
C GLU A 21 -5.31 -1.15 -12.41
N LYS A 22 -4.51 -0.92 -11.39
CA LYS A 22 -3.37 -0.04 -11.52
C LYS A 22 -2.13 -0.86 -11.89
N LEU A 23 -1.85 -1.87 -11.06
CA LEU A 23 -0.71 -2.73 -11.29
C LEU A 23 -1.18 -3.99 -12.03
N HIS A 24 -2.22 -3.82 -12.82
CA HIS A 24 -2.77 -4.93 -13.59
C HIS A 24 -3.21 -6.04 -12.64
N ILE A 25 -4.21 -6.79 -13.07
CA ILE A 25 -4.73 -7.88 -12.27
C ILE A 25 -3.58 -8.58 -11.54
N SER A 26 -3.49 -8.31 -10.25
CA SER A 26 -2.43 -8.90 -9.43
C SER A 26 -2.70 -8.63 -7.95
N ILE A 27 -3.96 -8.74 -7.58
CA ILE A 27 -4.37 -8.51 -6.20
C ILE A 27 -3.58 -9.45 -5.28
N LYS A 28 -3.34 -10.66 -5.78
CA LYS A 28 -2.62 -11.65 -5.02
C LYS A 28 -1.19 -11.15 -4.77
N THR A 29 -0.61 -10.58 -5.81
CA THR A 29 0.75 -10.06 -5.73
C THR A 29 0.85 -9.01 -4.61
N VAL A 30 -0.20 -8.21 -4.51
CA VAL A 30 -0.24 -7.16 -3.50
C VAL A 30 -0.10 -7.81 -2.11
N GLU A 31 -0.79 -8.92 -1.94
CA GLU A 31 -0.75 -9.64 -0.68
C GLU A 31 0.70 -9.92 -0.27
N THR A 32 1.46 -10.41 -1.24
CA THR A 32 2.87 -10.72 -1.00
C THR A 32 3.69 -9.44 -0.88
N HIS A 33 3.41 -8.50 -1.77
CA HIS A 33 4.11 -7.23 -1.77
C HIS A 33 3.85 -6.50 -0.45
N ARG A 34 2.65 -6.69 0.07
CA ARG A 34 2.27 -6.07 1.33
C ARG A 34 3.19 -6.52 2.45
N MET A 35 3.25 -7.83 2.63
CA MET A 35 4.08 -8.41 3.67
C MET A 35 5.49 -7.81 3.64
N ASN A 36 5.94 -7.50 2.43
CA ASN A 36 7.26 -6.93 2.25
C ASN A 36 7.28 -5.52 2.86
N MET A 37 6.23 -4.78 2.57
CA MET A 37 6.11 -3.42 3.08
C MET A 37 5.95 -3.41 4.61
N MET A 38 4.96 -4.14 5.06
CA MET A 38 4.68 -4.23 6.49
C MET A 38 5.95 -4.55 7.27
N ARG A 39 6.80 -5.36 6.65
CA ARG A 39 8.05 -5.75 7.27
C ARG A 39 9.14 -4.70 6.99
N LYS A 40 8.89 -3.90 5.97
CA LYS A 40 9.84 -2.87 5.59
C LYS A 40 9.71 -1.69 6.55
N LEU A 41 8.47 -1.23 6.71
CA LEU A 41 8.20 -0.11 7.60
C LEU A 41 7.89 -0.65 9.00
N GLN A 42 7.76 -1.96 9.08
CA GLN A 42 7.46 -2.61 10.35
C GLN A 42 6.05 -2.23 10.82
N VAL A 43 5.25 -1.76 9.88
CA VAL A 43 3.89 -1.36 10.19
C VAL A 43 3.08 -2.59 10.60
N HIS A 44 1.79 -2.52 10.34
CA HIS A 44 0.90 -3.62 10.68
C HIS A 44 0.31 -4.23 9.40
N LYS A 45 -0.43 -3.40 8.68
CA LYS A 45 -1.04 -3.84 7.44
C LYS A 45 -1.06 -2.67 6.44
N VAL A 46 -2.07 -2.68 5.59
CA VAL A 46 -2.22 -1.64 4.58
C VAL A 46 -2.84 -0.40 5.24
N THR A 47 -3.70 -0.65 6.21
CA THR A 47 -4.36 0.43 6.92
C THR A 47 -3.34 1.30 7.63
N GLU A 48 -2.65 0.70 8.59
CA GLU A 48 -1.63 1.42 9.35
C GLU A 48 -0.55 1.96 8.43
N LEU A 49 -0.34 1.25 7.33
CA LEU A 49 0.66 1.64 6.35
C LEU A 49 0.14 2.84 5.54
N LEU A 50 -1.17 2.81 5.29
CA LEU A 50 -1.80 3.87 4.53
C LEU A 50 -1.49 5.22 5.19
N ASN A 51 -1.51 5.21 6.51
CA ASN A 51 -1.24 6.42 7.27
C ASN A 51 0.25 6.73 7.20
N CYS A 52 1.05 5.67 7.11
CA CYS A 52 2.49 5.81 7.02
C CYS A 52 2.82 6.69 5.81
N ALA A 53 2.38 6.23 4.65
CA ALA A 53 2.63 6.95 3.42
C ALA A 53 2.04 8.36 3.53
N ARG A 54 0.92 8.44 4.23
CA ARG A 54 0.25 9.71 4.43
C ARG A 54 1.12 10.65 5.28
N ARG A 55 1.50 10.15 6.45
CA ARG A 55 2.33 10.92 7.35
C ARG A 55 1.69 12.28 7.63
N MET A 56 0.37 12.26 7.80
CA MET A 56 -0.37 13.48 8.05
C MET A 56 -1.03 13.42 9.43
N ARG A 57 -2.17 12.73 9.49
CA ARG A 57 -2.90 12.61 10.73
C ARG A 57 -4.10 11.67 10.55
N LEU A 58 -5.07 12.15 9.77
CA LEU A 58 -6.26 11.36 9.50
C LEU A 58 -6.67 11.56 8.05
N ILE A 59 -5.72 11.36 7.16
CA ILE A 59 -5.96 11.52 5.73
C ILE A 59 -6.32 12.97 5.44
N GLU A 60 -5.40 13.86 5.80
CA GLU A 60 -5.60 15.28 5.57
C GLU A 60 -5.32 15.63 4.11
N TYR A 61 -4.24 15.06 3.60
CA TYR A 61 -3.85 15.31 2.22
C TYR A 61 -5.05 15.21 1.28
N LEU A 1 11.13 -1.27 -4.69
CA LEU A 1 10.66 -0.85 -5.98
C LEU A 1 9.20 -1.25 -6.15
N ARG A 2 8.95 -2.56 -6.11
CA ARG A 2 7.61 -3.07 -6.25
C ARG A 2 6.70 -2.48 -5.18
N GLU A 3 7.17 -2.54 -3.95
CA GLU A 3 6.41 -2.00 -2.83
C GLU A 3 6.47 -0.48 -2.82
N ARG A 4 7.62 0.04 -3.22
CA ARG A 4 7.82 1.49 -3.27
C ARG A 4 6.75 2.13 -4.14
N GLN A 5 6.49 1.51 -5.28
CA GLN A 5 5.50 2.02 -6.21
C GLN A 5 4.10 1.88 -5.60
N VAL A 6 3.91 0.81 -4.84
CA VAL A 6 2.62 0.56 -4.21
C VAL A 6 2.47 1.49 -3.00
N LEU A 7 3.52 1.54 -2.19
CA LEU A 7 3.50 2.38 -1.00
C LEU A 7 3.17 3.82 -1.40
N LYS A 8 3.42 4.12 -2.67
CA LYS A 8 3.15 5.45 -3.19
C LYS A 8 1.64 5.62 -3.39
N LEU A 9 1.07 4.68 -4.13
CA LEU A 9 -0.37 4.71 -4.41
C LEU A 9 -1.13 4.38 -3.13
N ILE A 10 -0.66 3.33 -2.46
CA ILE A 10 -1.30 2.89 -1.23
C ILE A 10 -1.48 4.10 -0.30
N ASP A 11 -0.50 4.99 -0.34
CA ASP A 11 -0.53 6.18 0.49
C ASP A 11 -1.71 7.06 0.06
N GLU A 12 -1.88 7.16 -1.26
CA GLU A 12 -2.96 7.96 -1.80
C GLU A 12 -4.31 7.39 -1.39
N GLY A 13 -4.52 6.14 -1.75
CA GLY A 13 -5.77 5.47 -1.42
C GLY A 13 -6.18 4.49 -2.52
N TYR A 14 -6.27 3.22 -2.14
CA TYR A 14 -6.65 2.18 -3.08
C TYR A 14 -7.10 0.92 -2.35
N THR A 15 -6.38 0.59 -1.28
CA THR A 15 -6.70 -0.59 -0.50
C THR A 15 -6.14 -1.84 -1.16
N ASN A 16 -6.84 -2.29 -2.19
CA ASN A 16 -6.43 -3.49 -2.92
C ASN A 16 -7.01 -3.44 -4.33
N HIS A 17 -8.33 -3.50 -4.40
CA HIS A 17 -9.02 -3.46 -5.68
C HIS A 17 -8.50 -2.29 -6.51
N GLY A 18 -7.96 -1.31 -5.81
CA GLY A 18 -7.42 -0.12 -6.48
C GLY A 18 -5.98 -0.35 -6.90
N ILE A 19 -5.19 -0.84 -5.95
CA ILE A 19 -3.77 -1.11 -6.23
C ILE A 19 -3.65 -2.00 -7.45
N SER A 20 -4.52 -3.00 -7.51
CA SER A 20 -4.53 -3.93 -8.63
C SER A 20 -5.01 -3.23 -9.89
N GLU A 21 -6.00 -2.38 -9.71
CA GLU A 21 -6.57 -1.63 -10.84
C GLU A 21 -5.55 -0.62 -11.36
N LYS A 22 -4.63 -0.25 -10.48
CA LYS A 22 -3.60 0.72 -10.85
C LYS A 22 -2.38 -0.02 -11.38
N LEU A 23 -1.89 -0.95 -10.58
CA LEU A 23 -0.72 -1.74 -10.96
C LEU A 23 -1.13 -2.75 -12.03
N HIS A 24 -2.14 -3.54 -11.69
CA HIS A 24 -2.63 -4.55 -12.61
C HIS A 24 -3.42 -5.61 -11.84
N ILE A 25 -4.57 -5.97 -12.40
CA ILE A 25 -5.42 -6.97 -11.78
C ILE A 25 -4.55 -8.07 -11.16
N SER A 26 -4.48 -8.03 -9.83
CA SER A 26 -3.69 -9.01 -9.11
C SER A 26 -3.70 -8.68 -7.61
N ILE A 27 -4.90 -8.60 -7.06
CA ILE A 27 -5.06 -8.28 -5.65
C ILE A 27 -4.21 -9.26 -4.82
N LYS A 28 -4.01 -10.45 -5.39
CA LYS A 28 -3.22 -11.46 -4.71
C LYS A 28 -1.75 -11.05 -4.70
N THR A 29 -1.30 -10.55 -5.85
CA THR A 29 0.08 -10.11 -5.98
C THR A 29 0.38 -8.99 -5.00
N VAL A 30 -0.57 -8.07 -4.90
CA VAL A 30 -0.41 -6.93 -4.00
C VAL A 30 -0.33 -7.44 -2.55
N GLU A 31 -1.01 -8.54 -2.30
CA GLU A 31 -1.01 -9.13 -0.98
C GLU A 31 0.41 -9.48 -0.54
N THR A 32 1.13 -10.12 -1.45
CA THR A 32 2.51 -10.50 -1.18
C THR A 32 3.38 -9.25 -0.98
N HIS A 33 3.20 -8.30 -1.88
CA HIS A 33 3.96 -7.07 -1.83
C HIS A 33 3.80 -6.43 -0.45
N ARG A 34 2.58 -6.48 0.05
CA ARG A 34 2.28 -5.91 1.36
C ARG A 34 3.18 -6.53 2.42
N MET A 35 3.20 -7.85 2.45
CA MET A 35 4.01 -8.58 3.42
C MET A 35 5.44 -8.06 3.41
N ASN A 36 5.88 -7.61 2.24
CA ASN A 36 7.23 -7.09 2.10
C ASN A 36 7.31 -5.70 2.74
N MET A 37 6.16 -5.03 2.77
CA MET A 37 6.09 -3.71 3.34
C MET A 37 5.92 -3.77 4.86
N MET A 38 5.56 -4.96 5.33
CA MET A 38 5.37 -5.18 6.76
C MET A 38 6.67 -5.62 7.43
N ARG A 39 7.53 -6.25 6.63
CA ARG A 39 8.80 -6.73 7.12
C ARG A 39 9.89 -5.67 6.93
N LYS A 40 9.67 -4.84 5.91
CA LYS A 40 10.63 -3.77 5.61
C LYS A 40 10.36 -2.59 6.54
N LEU A 41 9.14 -2.09 6.48
CA LEU A 41 8.76 -0.96 7.31
C LEU A 41 8.39 -1.45 8.70
N GLN A 42 8.48 -2.76 8.88
CA GLN A 42 8.16 -3.38 10.15
C GLN A 42 6.73 -3.03 10.57
N VAL A 43 5.93 -2.64 9.57
CA VAL A 43 4.56 -2.28 9.81
C VAL A 43 3.72 -3.56 9.96
N HIS A 44 2.48 -3.37 10.41
CA HIS A 44 1.58 -4.49 10.60
C HIS A 44 1.04 -4.95 9.25
N LYS A 45 0.09 -4.20 8.73
CA LYS A 45 -0.51 -4.52 7.45
C LYS A 45 -0.41 -3.30 6.53
N VAL A 46 -1.21 -3.33 5.47
CA VAL A 46 -1.22 -2.24 4.50
C VAL A 46 -1.87 -1.01 5.12
N THR A 47 -2.87 -1.28 5.97
CA THR A 47 -3.58 -0.20 6.63
C THR A 47 -2.61 0.64 7.47
N GLU A 48 -1.90 -0.04 8.36
CA GLU A 48 -0.95 0.63 9.22
C GLU A 48 0.13 1.31 8.38
N LEU A 49 0.49 0.67 7.28
CA LEU A 49 1.51 1.19 6.39
C LEU A 49 0.92 2.36 5.58
N LEU A 50 -0.40 2.30 5.41
CA LEU A 50 -1.09 3.32 4.66
C LEU A 50 -0.88 4.68 5.34
N ASN A 51 -0.99 4.67 6.66
CA ASN A 51 -0.80 5.89 7.43
C ASN A 51 0.69 6.22 7.51
N CYS A 52 1.50 5.18 7.42
CA CYS A 52 2.94 5.35 7.47
C CYS A 52 3.36 6.24 6.30
N ALA A 53 3.04 5.77 5.10
CA ALA A 53 3.39 6.52 3.89
C ALA A 53 2.70 7.89 3.94
N ARG A 54 1.47 7.90 4.44
CA ARG A 54 0.71 9.13 4.55
C ARG A 54 1.42 10.11 5.48
N ARG A 55 1.69 9.65 6.70
CA ARG A 55 2.35 10.47 7.68
C ARG A 55 1.65 11.83 7.80
N MET A 56 0.33 11.80 7.62
CA MET A 56 -0.45 13.01 7.70
C MET A 56 -1.84 12.72 8.31
N ARG A 57 -2.51 11.76 7.71
CA ARG A 57 -3.84 11.37 8.17
C ARG A 57 -4.84 12.50 7.89
N LEU A 58 -4.97 12.82 6.61
CA LEU A 58 -5.89 13.87 6.20
C LEU A 58 -7.11 13.24 5.51
N ILE A 59 -6.82 12.37 4.55
CA ILE A 59 -7.88 11.69 3.82
C ILE A 59 -8.92 12.72 3.36
N GLU A 60 -8.47 13.97 3.25
CA GLU A 60 -9.34 15.04 2.82
C GLU A 60 -9.53 15.00 1.31
N TYR A 61 -8.44 15.25 0.59
CA TYR A 61 -8.48 15.25 -0.86
C TYR A 61 -9.72 15.97 -1.38
N LEU A 1 10.49 1.82 -4.17
CA LEU A 1 9.91 2.22 -5.43
C LEU A 1 8.60 1.45 -5.65
N ARG A 2 8.74 0.14 -5.83
CA ARG A 2 7.59 -0.72 -6.04
C ARG A 2 6.60 -0.58 -4.88
N GLU A 3 7.11 -0.84 -3.69
CA GLU A 3 6.28 -0.76 -2.50
C GLU A 3 5.83 0.68 -2.26
N ARG A 4 6.76 1.60 -2.48
CA ARG A 4 6.47 3.01 -2.30
C ARG A 4 5.41 3.47 -3.30
N GLN A 5 5.39 2.80 -4.44
CA GLN A 5 4.44 3.13 -5.48
C GLN A 5 3.02 2.76 -5.04
N VAL A 6 2.89 1.53 -4.56
CA VAL A 6 1.61 1.03 -4.10
C VAL A 6 1.24 1.71 -2.78
N LEU A 7 2.24 1.83 -1.91
CA LEU A 7 2.03 2.46 -0.62
C LEU A 7 1.47 3.86 -0.82
N LYS A 8 1.75 4.42 -1.99
CA LYS A 8 1.27 5.75 -2.32
C LYS A 8 -0.25 5.70 -2.57
N LEU A 9 -0.64 4.80 -3.45
CA LEU A 9 -2.05 4.63 -3.77
C LEU A 9 -2.78 4.02 -2.58
N ILE A 10 -2.15 3.01 -2.00
CA ILE A 10 -2.72 2.33 -0.85
C ILE A 10 -3.23 3.36 0.15
N ASP A 11 -2.44 4.43 0.29
CA ASP A 11 -2.79 5.50 1.21
C ASP A 11 -4.01 6.27 0.67
N GLU A 12 -4.03 6.40 -0.64
CA GLU A 12 -5.11 7.11 -1.31
C GLU A 12 -6.43 6.37 -1.08
N GLY A 13 -6.46 5.12 -1.54
CA GLY A 13 -7.64 4.29 -1.40
C GLY A 13 -7.79 3.33 -2.58
N TYR A 14 -7.65 2.05 -2.28
CA TYR A 14 -7.76 1.02 -3.30
C TYR A 14 -7.92 -0.37 -2.67
N THR A 15 -7.16 -0.58 -1.60
CA THR A 15 -7.20 -1.85 -0.90
C THR A 15 -6.55 -2.95 -1.74
N ASN A 16 -7.31 -3.44 -2.71
CA ASN A 16 -6.82 -4.47 -3.60
C ASN A 16 -7.49 -4.35 -4.97
N HIS A 17 -8.80 -4.57 -4.97
CA HIS A 17 -9.57 -4.47 -6.20
C HIS A 17 -9.22 -3.18 -6.93
N GLY A 18 -8.91 -2.16 -6.14
CA GLY A 18 -8.55 -0.86 -6.70
C GLY A 18 -7.10 -0.85 -7.18
N ILE A 19 -6.23 -1.41 -6.36
CA ILE A 19 -4.82 -1.48 -6.69
C ILE A 19 -4.63 -2.36 -7.92
N SER A 20 -5.56 -3.27 -8.11
CA SER A 20 -5.52 -4.18 -9.25
C SER A 20 -5.79 -3.41 -10.54
N GLU A 21 -6.87 -2.64 -10.50
CA GLU A 21 -7.26 -1.85 -11.67
C GLU A 21 -6.22 -0.76 -11.94
N LYS A 22 -5.45 -0.45 -10.92
CA LYS A 22 -4.41 0.57 -11.03
C LYS A 22 -3.10 -0.10 -11.43
N LEU A 23 -2.69 -1.07 -10.63
CA LEU A 23 -1.46 -1.80 -10.90
C LEU A 23 -1.77 -3.05 -11.71
N HIS A 24 -2.85 -2.98 -12.46
CA HIS A 24 -3.27 -4.10 -13.29
C HIS A 24 -3.54 -5.32 -12.42
N ILE A 25 -4.46 -6.15 -12.87
CA ILE A 25 -4.82 -7.35 -12.14
C ILE A 25 -3.55 -7.95 -11.50
N SER A 26 -3.48 -7.83 -10.19
CA SER A 26 -2.35 -8.35 -9.45
C SER A 26 -2.57 -8.18 -7.95
N ILE A 27 -3.73 -8.65 -7.50
CA ILE A 27 -4.08 -8.57 -6.10
C ILE A 27 -3.15 -9.48 -5.28
N LYS A 28 -2.72 -10.55 -5.93
CA LYS A 28 -1.84 -11.51 -5.29
C LYS A 28 -0.46 -10.86 -5.08
N THR A 29 -0.02 -10.16 -6.11
CA THR A 29 1.27 -9.48 -6.05
C THR A 29 1.32 -8.53 -4.87
N VAL A 30 0.19 -7.88 -4.62
CA VAL A 30 0.10 -6.93 -3.52
C VAL A 30 0.34 -7.67 -2.20
N GLU A 31 -0.23 -8.85 -2.11
CA GLU A 31 -0.09 -9.67 -0.91
C GLU A 31 1.39 -9.81 -0.54
N THR A 32 2.20 -10.14 -1.55
CA THR A 32 3.62 -10.30 -1.35
C THR A 32 4.30 -8.94 -1.15
N HIS A 33 3.99 -8.03 -2.07
CA HIS A 33 4.56 -6.70 -2.00
C HIS A 33 4.29 -6.08 -0.63
N ARG A 34 3.08 -6.31 -0.15
CA ARG A 34 2.68 -5.79 1.15
C ARG A 34 3.65 -6.25 2.24
N MET A 35 3.88 -7.55 2.25
CA MET A 35 4.78 -8.13 3.22
C MET A 35 6.08 -7.33 3.32
N ASN A 36 6.54 -6.85 2.17
CA ASN A 36 7.76 -6.07 2.11
C ASN A 36 7.51 -4.69 2.72
N MET A 37 6.28 -4.22 2.54
CA MET A 37 5.90 -2.92 3.07
C MET A 37 5.80 -2.95 4.59
N MET A 38 5.20 -4.03 5.09
CA MET A 38 5.04 -4.19 6.52
C MET A 38 6.38 -4.11 7.25
N ARG A 39 7.38 -4.76 6.65
CA ARG A 39 8.71 -4.78 7.22
C ARG A 39 9.41 -3.44 6.98
N LYS A 40 8.89 -2.71 5.99
CA LYS A 40 9.45 -1.42 5.64
C LYS A 40 9.19 -0.43 6.78
N LEU A 41 7.91 -0.27 7.10
CA LEU A 41 7.51 0.64 8.15
C LEU A 41 7.46 -0.13 9.48
N GLN A 42 7.46 -1.44 9.37
CA GLN A 42 7.41 -2.30 10.54
C GLN A 42 6.00 -2.29 11.14
N VAL A 43 5.02 -2.25 10.26
CA VAL A 43 3.63 -2.24 10.68
C VAL A 43 3.16 -3.69 10.92
N HIS A 44 1.97 -3.97 10.41
CA HIS A 44 1.39 -5.30 10.56
C HIS A 44 0.79 -5.75 9.23
N LYS A 45 -0.04 -4.89 8.67
CA LYS A 45 -0.68 -5.18 7.41
C LYS A 45 -0.96 -3.88 6.66
N VAL A 46 -1.91 -3.95 5.74
CA VAL A 46 -2.28 -2.78 4.95
C VAL A 46 -3.00 -1.77 5.85
N THR A 47 -3.76 -2.30 6.79
CA THR A 47 -4.50 -1.46 7.72
C THR A 47 -3.55 -0.62 8.56
N GLU A 48 -2.66 -1.32 9.26
CA GLU A 48 -1.68 -0.64 10.10
C GLU A 48 -0.84 0.33 9.27
N LEU A 49 -0.29 -0.21 8.19
CA LEU A 49 0.54 0.60 7.31
C LEU A 49 -0.28 1.79 6.78
N LEU A 50 -1.53 1.50 6.46
CA LEU A 50 -2.42 2.53 5.94
C LEU A 50 -2.36 3.75 6.86
N ASN A 51 -2.25 3.47 8.15
CA ASN A 51 -2.18 4.55 9.14
C ASN A 51 -0.80 5.22 9.06
N CYS A 52 0.18 4.44 8.65
CA CYS A 52 1.53 4.95 8.53
C CYS A 52 1.52 6.10 7.52
N ALA A 53 1.07 5.79 6.32
CA ALA A 53 1.00 6.78 5.26
C ALA A 53 -0.08 7.81 5.61
N ARG A 54 -1.05 7.36 6.38
CA ARG A 54 -2.15 8.23 6.79
C ARG A 54 -1.60 9.47 7.52
N ARG A 55 -0.35 9.35 7.95
CA ARG A 55 0.30 10.44 8.66
C ARG A 55 1.82 10.35 8.52
N MET A 56 2.25 10.26 7.28
CA MET A 56 3.67 10.17 6.98
C MET A 56 3.95 10.45 5.50
N ARG A 57 3.09 9.91 4.65
CA ARG A 57 3.23 10.11 3.22
C ARG A 57 2.80 11.52 2.82
N LEU A 58 1.51 11.76 2.97
CA LEU A 58 0.96 13.06 2.64
C LEU A 58 -0.52 13.10 3.02
N ILE A 59 -1.27 12.16 2.45
CA ILE A 59 -2.69 12.07 2.72
C ILE A 59 -3.33 13.45 2.54
N GLU A 60 -2.81 14.18 1.58
CA GLU A 60 -3.31 15.52 1.29
C GLU A 60 -2.79 16.01 -0.05
N TYR A 61 -2.90 15.13 -1.04
CA TYR A 61 -2.45 15.47 -2.39
C TYR A 61 -3.52 16.26 -3.15
N LEU A 1 10.89 -2.22 -4.38
CA LEU A 1 10.46 -1.89 -5.73
C LEU A 1 8.95 -2.13 -5.87
N ARG A 2 8.59 -3.40 -5.80
CA ARG A 2 7.19 -3.78 -5.91
C ARG A 2 6.36 -3.09 -4.82
N GLU A 3 6.83 -3.23 -3.59
CA GLU A 3 6.14 -2.62 -2.46
C GLU A 3 6.31 -1.10 -2.50
N ARG A 4 7.30 -0.66 -3.26
CA ARG A 4 7.57 0.76 -3.39
C ARG A 4 6.58 1.40 -4.38
N GLN A 5 6.34 0.70 -5.46
CA GLN A 5 5.43 1.18 -6.49
C GLN A 5 3.99 1.16 -5.97
N VAL A 6 3.72 0.17 -5.12
CA VAL A 6 2.39 0.03 -4.55
C VAL A 6 2.18 1.10 -3.47
N LEU A 7 3.06 1.07 -2.48
CA LEU A 7 2.99 2.04 -1.39
C LEU A 7 2.89 3.45 -1.97
N LYS A 8 3.41 3.60 -3.17
CA LYS A 8 3.38 4.89 -3.84
C LYS A 8 1.94 5.22 -4.24
N LEU A 9 1.30 4.27 -4.90
CA LEU A 9 -0.07 4.45 -5.33
C LEU A 9 -1.01 4.27 -4.14
N ILE A 10 -0.50 3.58 -3.13
CA ILE A 10 -1.28 3.32 -1.92
C ILE A 10 -1.40 4.61 -1.11
N ASP A 11 -0.26 5.30 -0.99
CA ASP A 11 -0.23 6.55 -0.25
C ASP A 11 -1.22 7.53 -0.86
N GLU A 12 -1.17 7.64 -2.18
CA GLU A 12 -2.06 8.54 -2.89
C GLU A 12 -3.51 8.13 -2.69
N GLY A 13 -3.79 6.88 -3.01
CA GLY A 13 -5.13 6.35 -2.86
C GLY A 13 -5.41 5.25 -3.89
N TYR A 14 -5.37 4.02 -3.42
CA TYR A 14 -5.61 2.88 -4.30
C TYR A 14 -5.93 1.62 -3.48
N THR A 15 -7.10 1.65 -2.85
CA THR A 15 -7.52 0.53 -2.03
C THR A 15 -6.79 -0.75 -2.45
N ASN A 16 -7.40 -1.48 -3.37
CA ASN A 16 -6.82 -2.71 -3.87
C ASN A 16 -7.19 -2.89 -5.34
N HIS A 17 -8.49 -2.85 -5.59
CA HIS A 17 -8.99 -3.00 -6.96
C HIS A 17 -8.21 -2.08 -7.89
N GLY A 18 -7.75 -0.98 -7.34
CA GLY A 18 -6.98 -0.02 -8.12
C GLY A 18 -5.59 -0.54 -8.44
N ILE A 19 -4.92 -1.03 -7.40
CA ILE A 19 -3.58 -1.58 -7.55
C ILE A 19 -3.58 -2.62 -8.66
N SER A 20 -4.75 -3.21 -8.88
CA SER A 20 -4.89 -4.22 -9.91
C SER A 20 -4.98 -3.56 -11.29
N GLU A 21 -5.69 -2.45 -11.33
CA GLU A 21 -5.86 -1.71 -12.57
C GLU A 21 -4.67 -0.77 -12.80
N LYS A 22 -3.93 -0.54 -11.72
CA LYS A 22 -2.77 0.34 -11.79
C LYS A 22 -1.53 -0.50 -12.11
N LEU A 23 -1.26 -1.47 -11.27
CA LEU A 23 -0.11 -2.34 -11.46
C LEU A 23 -0.48 -3.45 -12.44
N HIS A 24 -1.60 -4.10 -12.16
CA HIS A 24 -2.07 -5.18 -13.00
C HIS A 24 -2.92 -6.14 -12.17
N ILE A 25 -3.98 -6.64 -12.80
CA ILE A 25 -4.88 -7.56 -12.14
C ILE A 25 -4.06 -8.53 -11.27
N SER A 26 -4.02 -8.25 -9.99
CA SER A 26 -3.29 -9.08 -9.05
C SER A 26 -3.57 -8.63 -7.62
N ILE A 27 -4.85 -8.41 -7.34
CA ILE A 27 -5.27 -7.98 -6.01
C ILE A 27 -4.65 -8.91 -4.97
N LYS A 28 -4.52 -10.17 -5.34
CA LYS A 28 -3.95 -11.17 -4.45
C LYS A 28 -2.47 -10.86 -4.24
N THR A 29 -1.81 -10.49 -5.32
CA THR A 29 -0.39 -10.16 -5.27
C THR A 29 -0.14 -9.04 -4.26
N VAL A 30 -1.05 -8.07 -4.26
CA VAL A 30 -0.95 -6.94 -3.36
C VAL A 30 -0.90 -7.44 -1.92
N GLU A 31 -1.84 -8.31 -1.58
CA GLU A 31 -1.92 -8.86 -0.25
C GLU A 31 -0.53 -9.33 0.21
N THR A 32 0.20 -9.92 -0.72
CA THR A 32 1.53 -10.41 -0.43
C THR A 32 2.51 -9.24 -0.31
N HIS A 33 2.29 -8.23 -1.14
CA HIS A 33 3.14 -7.06 -1.14
C HIS A 33 2.87 -6.23 0.12
N ARG A 34 1.62 -6.27 0.55
CA ARG A 34 1.21 -5.52 1.73
C ARG A 34 2.02 -5.98 2.95
N MET A 35 1.95 -7.27 3.22
CA MET A 35 2.66 -7.85 4.35
C MET A 35 4.15 -7.50 4.28
N ASN A 36 4.68 -7.48 3.06
CA ASN A 36 6.07 -7.16 2.86
C ASN A 36 6.31 -5.69 3.20
N MET A 37 5.32 -4.88 2.90
CA MET A 37 5.41 -3.45 3.16
C MET A 37 5.37 -3.18 4.67
N MET A 38 4.83 -4.14 5.41
CA MET A 38 4.73 -4.01 6.85
C MET A 38 5.99 -4.56 7.53
N ARG A 39 6.72 -5.37 6.79
CA ARG A 39 7.94 -5.97 7.32
C ARG A 39 9.14 -5.08 7.02
N LYS A 40 9.06 -4.40 5.88
CA LYS A 40 10.12 -3.50 5.47
C LYS A 40 9.98 -2.16 6.18
N LEU A 41 8.80 -1.57 6.02
CA LEU A 41 8.52 -0.28 6.63
C LEU A 41 8.21 -0.49 8.11
N GLN A 42 8.18 -1.77 8.51
CA GLN A 42 7.90 -2.11 9.89
C GLN A 42 6.67 -1.36 10.39
N VAL A 43 5.64 -1.35 9.56
CA VAL A 43 4.40 -0.68 9.91
C VAL A 43 3.34 -1.72 10.25
N HIS A 44 2.24 -1.23 10.81
CA HIS A 44 1.14 -2.11 11.18
C HIS A 44 0.52 -2.73 9.93
N LYS A 45 -0.41 -1.99 9.34
CA LYS A 45 -1.09 -2.46 8.15
C LYS A 45 -0.89 -1.43 7.03
N VAL A 46 -1.55 -1.69 5.90
CA VAL A 46 -1.46 -0.81 4.76
C VAL A 46 -2.04 0.57 5.13
N THR A 47 -3.09 0.52 5.94
CA THR A 47 -3.73 1.75 6.38
C THR A 47 -2.72 2.69 7.04
N GLU A 48 -1.95 2.13 7.97
CA GLU A 48 -0.95 2.90 8.68
C GLU A 48 0.15 3.35 7.71
N LEU A 49 0.18 2.70 6.55
CA LEU A 49 1.18 3.02 5.54
C LEU A 49 0.77 4.30 4.83
N LEU A 50 -0.50 4.36 4.44
CA LEU A 50 -1.02 5.52 3.75
C LEU A 50 -0.77 6.76 4.61
N ASN A 51 -0.89 6.58 5.92
CA ASN A 51 -0.69 7.68 6.85
C ASN A 51 0.81 7.89 7.05
N CYS A 52 1.58 6.86 6.73
CA CYS A 52 3.02 6.93 6.87
C CYS A 52 3.58 7.80 5.75
N ALA A 53 3.31 7.37 4.52
CA ALA A 53 3.78 8.10 3.35
C ALA A 53 3.30 9.55 3.44
N ARG A 54 2.02 9.70 3.76
CA ARG A 54 1.43 11.02 3.87
C ARG A 54 2.10 11.80 5.01
N ARG A 55 2.01 11.23 6.20
CA ARG A 55 2.59 11.86 7.37
C ARG A 55 2.29 11.04 8.63
N MET A 56 1.02 11.04 9.00
CA MET A 56 0.59 10.31 10.18
C MET A 56 -0.76 10.83 10.68
N ARG A 57 -1.65 11.10 9.74
CA ARG A 57 -2.97 11.60 10.07
C ARG A 57 -3.84 10.48 10.64
N LEU A 58 -3.77 9.33 9.97
CA LEU A 58 -4.53 8.17 10.40
C LEU A 58 -5.99 8.34 9.95
N ILE A 59 -6.16 8.40 8.64
CA ILE A 59 -7.49 8.56 8.07
C ILE A 59 -7.68 7.56 6.94
N GLU A 60 -6.67 7.47 6.10
CA GLU A 60 -6.70 6.56 4.97
C GLU A 60 -7.59 7.12 3.86
N TYR A 61 -7.09 8.17 3.23
CA TYR A 61 -7.82 8.82 2.15
C TYR A 61 -8.29 7.79 1.11
N LEU A 1 11.12 -0.83 -4.75
CA LEU A 1 10.57 -0.68 -6.08
C LEU A 1 9.11 -1.14 -6.09
N ARG A 2 8.93 -2.44 -6.09
CA ARG A 2 7.59 -3.01 -6.10
C ARG A 2 6.79 -2.49 -4.91
N GLU A 3 7.40 -2.56 -3.74
CA GLU A 3 6.75 -2.09 -2.52
C GLU A 3 6.55 -0.58 -2.58
N ARG A 4 7.65 0.13 -2.83
CA ARG A 4 7.59 1.58 -2.91
C ARG A 4 6.60 2.02 -3.99
N GLN A 5 6.52 1.22 -5.04
CA GLN A 5 5.62 1.51 -6.15
C GLN A 5 4.18 1.47 -5.67
N VAL A 6 3.81 0.37 -5.04
CA VAL A 6 2.46 0.20 -4.53
C VAL A 6 2.23 1.16 -3.37
N LEU A 7 3.17 1.15 -2.42
CA LEU A 7 3.07 2.02 -1.27
C LEU A 7 2.87 3.46 -1.73
N LYS A 8 3.30 3.72 -2.97
CA LYS A 8 3.17 5.05 -3.53
C LYS A 8 1.69 5.33 -3.81
N LEU A 9 1.07 4.44 -4.55
CA LEU A 9 -0.33 4.57 -4.89
C LEU A 9 -1.19 4.28 -3.65
N ILE A 10 -0.76 3.26 -2.92
CA ILE A 10 -1.48 2.86 -1.72
C ILE A 10 -1.71 4.09 -0.84
N ASP A 11 -0.68 4.93 -0.77
CA ASP A 11 -0.76 6.13 0.03
C ASP A 11 -1.84 7.06 -0.54
N GLU A 12 -1.83 7.17 -1.86
CA GLU A 12 -2.79 8.01 -2.54
C GLU A 12 -4.19 7.37 -2.50
N GLY A 13 -4.23 6.17 -1.95
CA GLY A 13 -5.48 5.45 -1.83
C GLY A 13 -5.87 4.79 -3.15
N TYR A 14 -6.06 3.48 -3.09
CA TYR A 14 -6.42 2.72 -4.28
C TYR A 14 -7.23 1.47 -3.91
N THR A 15 -6.72 0.76 -2.92
CA THR A 15 -7.37 -0.46 -2.46
C THR A 15 -6.96 -1.65 -3.33
N ASN A 16 -6.94 -2.82 -2.70
CA ASN A 16 -6.57 -4.03 -3.40
C ASN A 16 -7.24 -4.05 -4.78
N HIS A 17 -8.40 -3.41 -4.84
CA HIS A 17 -9.15 -3.35 -6.08
C HIS A 17 -8.53 -2.29 -7.01
N GLY A 18 -8.18 -1.16 -6.40
CA GLY A 18 -7.58 -0.07 -7.16
C GLY A 18 -6.15 -0.43 -7.59
N ILE A 19 -5.39 -0.91 -6.63
CA ILE A 19 -4.00 -1.29 -6.89
C ILE A 19 -3.97 -2.25 -8.09
N SER A 20 -4.80 -3.28 -8.01
CA SER A 20 -4.87 -4.27 -9.07
C SER A 20 -5.41 -3.62 -10.36
N GLU A 21 -6.30 -2.66 -10.17
CA GLU A 21 -6.89 -1.96 -11.30
C GLU A 21 -5.84 -1.08 -11.99
N LYS A 22 -4.88 -0.62 -11.19
CA LYS A 22 -3.81 0.22 -11.72
C LYS A 22 -2.65 -0.66 -12.15
N LEU A 23 -2.19 -1.50 -11.23
CA LEU A 23 -1.08 -2.40 -11.50
C LEU A 23 -1.56 -3.52 -12.42
N HIS A 24 -2.58 -4.23 -11.95
CA HIS A 24 -3.14 -5.33 -12.72
C HIS A 24 -3.87 -6.28 -11.78
N ILE A 25 -4.83 -7.02 -12.35
CA ILE A 25 -5.60 -7.97 -11.58
C ILE A 25 -4.67 -9.01 -10.96
N SER A 26 -4.44 -8.87 -9.68
CA SER A 26 -3.58 -9.78 -8.95
C SER A 26 -3.51 -9.41 -7.48
N ILE A 27 -4.68 -9.22 -6.89
CA ILE A 27 -4.77 -8.85 -5.49
C ILE A 27 -3.84 -9.75 -4.66
N LYS A 28 -3.69 -10.99 -5.15
CA LYS A 28 -2.84 -11.95 -4.46
C LYS A 28 -1.39 -11.46 -4.52
N THR A 29 -0.98 -11.07 -5.71
CA THR A 29 0.38 -10.59 -5.90
C THR A 29 0.67 -9.41 -4.98
N VAL A 30 -0.36 -8.60 -4.75
CA VAL A 30 -0.23 -7.45 -3.88
C VAL A 30 0.09 -7.92 -2.45
N GLU A 31 -0.61 -8.96 -2.04
CA GLU A 31 -0.41 -9.52 -0.71
C GLU A 31 1.07 -9.83 -0.48
N THR A 32 1.73 -10.25 -1.55
CA THR A 32 3.14 -10.56 -1.47
C THR A 32 3.96 -9.31 -1.14
N HIS A 33 3.72 -8.26 -1.90
CA HIS A 33 4.43 -7.01 -1.69
C HIS A 33 4.07 -6.45 -0.31
N ARG A 34 2.83 -6.71 0.10
CA ARG A 34 2.36 -6.24 1.39
C ARG A 34 3.32 -6.67 2.50
N MET A 35 3.71 -7.93 2.43
CA MET A 35 4.62 -8.49 3.42
C MET A 35 5.97 -7.77 3.39
N ASN A 36 6.41 -7.48 2.18
CA ASN A 36 7.69 -6.79 2.00
C ASN A 36 7.62 -5.40 2.63
N MET A 37 6.54 -4.70 2.30
CA MET A 37 6.33 -3.36 2.83
C MET A 37 6.22 -3.38 4.35
N MET A 38 5.51 -4.39 4.84
CA MET A 38 5.32 -4.54 6.28
C MET A 38 6.59 -5.05 6.95
N ARG A 39 7.56 -5.43 6.12
CA ARG A 39 8.83 -5.94 6.62
C ARG A 39 9.82 -4.79 6.80
N LYS A 40 9.76 -3.84 5.87
CA LYS A 40 10.65 -2.70 5.92
C LYS A 40 9.99 -1.58 6.73
N LEU A 41 8.68 -1.45 6.55
CA LEU A 41 7.93 -0.42 7.25
C LEU A 41 7.65 -0.90 8.67
N GLN A 42 7.42 -2.20 8.79
CA GLN A 42 7.14 -2.80 10.10
C GLN A 42 5.81 -2.27 10.64
N VAL A 43 4.86 -2.11 9.73
CA VAL A 43 3.54 -1.61 10.11
C VAL A 43 2.60 -2.79 10.31
N HIS A 44 1.31 -2.52 10.12
CA HIS A 44 0.31 -3.55 10.27
C HIS A 44 -0.12 -4.06 8.89
N LYS A 45 -0.94 -3.27 8.22
CA LYS A 45 -1.43 -3.62 6.90
C LYS A 45 -1.50 -2.37 6.03
N VAL A 46 -2.28 -2.48 4.96
CA VAL A 46 -2.44 -1.37 4.04
C VAL A 46 -2.95 -0.15 4.81
N THR A 47 -4.01 -0.36 5.57
CA THR A 47 -4.60 0.70 6.35
C THR A 47 -3.53 1.39 7.21
N GLU A 48 -2.78 0.56 7.93
CA GLU A 48 -1.73 1.09 8.79
C GLU A 48 -0.65 1.77 7.95
N LEU A 49 -0.41 1.20 6.77
CA LEU A 49 0.59 1.75 5.87
C LEU A 49 0.14 3.11 5.38
N LEU A 50 -1.12 3.19 4.98
CA LEU A 50 -1.68 4.43 4.48
C LEU A 50 -1.38 5.55 5.48
N ASN A 51 -1.44 5.20 6.75
CA ASN A 51 -1.18 6.15 7.81
C ASN A 51 0.32 6.47 7.84
N CYS A 52 1.11 5.50 7.41
CA CYS A 52 2.55 5.66 7.38
C CYS A 52 2.90 6.69 6.31
N ALA A 53 2.55 6.36 5.08
CA ALA A 53 2.81 7.24 3.97
C ALA A 53 2.13 8.59 4.20
N ARG A 54 1.12 8.56 5.06
CA ARG A 54 0.37 9.77 5.39
C ARG A 54 1.15 10.60 6.42
N ARG A 55 1.43 9.98 7.55
CA ARG A 55 2.16 10.66 8.61
C ARG A 55 1.33 11.83 9.16
N MET A 56 0.14 11.50 9.64
CA MET A 56 -0.74 12.51 10.19
C MET A 56 -1.21 13.49 9.11
N ARG A 57 -1.82 12.94 8.07
CA ARG A 57 -2.31 13.74 6.97
C ARG A 57 -3.84 13.84 7.01
N LEU A 58 -4.36 13.79 8.23
CA LEU A 58 -5.80 13.86 8.42
C LEU A 58 -6.46 12.64 7.81
N ILE A 59 -5.73 11.53 7.83
CA ILE A 59 -6.23 10.29 7.28
C ILE A 59 -6.88 10.55 5.93
N GLU A 60 -6.41 11.61 5.28
CA GLU A 60 -6.94 11.99 3.98
C GLU A 60 -5.80 12.33 3.03
N TYR A 61 -4.86 13.12 3.53
CA TYR A 61 -3.71 13.52 2.73
C TYR A 61 -4.16 14.13 1.40
N LEU A 1 10.43 0.91 -5.04
CA LEU A 1 9.68 1.65 -6.04
C LEU A 1 8.23 1.14 -6.05
N ARG A 2 8.08 -0.12 -6.45
CA ARG A 2 6.77 -0.74 -6.51
C ARG A 2 6.19 -0.88 -5.10
N GLU A 3 7.07 -1.14 -4.15
CA GLU A 3 6.66 -1.30 -2.76
C GLU A 3 6.05 0.00 -2.23
N ARG A 4 6.86 1.06 -2.31
CA ARG A 4 6.42 2.36 -1.85
C ARG A 4 5.34 2.93 -2.77
N GLN A 5 5.49 2.62 -4.06
CA GLN A 5 4.54 3.09 -5.05
C GLN A 5 3.12 2.68 -4.67
N VAL A 6 3.01 1.44 -4.21
CA VAL A 6 1.70 0.92 -3.80
C VAL A 6 1.32 1.51 -2.44
N LEU A 7 2.35 1.84 -1.66
CA LEU A 7 2.13 2.40 -0.34
C LEU A 7 1.44 3.76 -0.49
N LYS A 8 1.84 4.48 -1.52
CA LYS A 8 1.27 5.79 -1.78
C LYS A 8 -0.20 5.64 -2.19
N LEU A 9 -0.43 4.68 -3.08
CA LEU A 9 -1.78 4.43 -3.56
C LEU A 9 -2.59 3.77 -2.45
N ILE A 10 -2.10 2.63 -1.99
CA ILE A 10 -2.77 1.90 -0.93
C ILE A 10 -3.17 2.87 0.19
N ASP A 11 -2.32 3.87 0.38
CA ASP A 11 -2.57 4.87 1.41
C ASP A 11 -3.85 5.62 1.08
N GLU A 12 -3.98 5.98 -0.19
CA GLU A 12 -5.15 6.71 -0.65
C GLU A 12 -6.42 5.89 -0.38
N GLY A 13 -6.40 4.65 -0.84
CA GLY A 13 -7.53 3.77 -0.65
C GLY A 13 -7.78 2.92 -1.91
N TYR A 14 -7.76 1.61 -1.73
CA TYR A 14 -7.98 0.70 -2.83
C TYR A 14 -8.28 -0.72 -2.32
N THR A 15 -7.55 -1.11 -1.29
CA THR A 15 -7.73 -2.42 -0.69
C THR A 15 -6.96 -3.47 -1.49
N ASN A 16 -7.51 -3.81 -2.65
CA ASN A 16 -6.87 -4.80 -3.52
C ASN A 16 -7.43 -4.66 -4.93
N HIS A 17 -8.75 -4.68 -5.02
CA HIS A 17 -9.41 -4.54 -6.31
C HIS A 17 -8.97 -3.25 -6.99
N GLY A 18 -8.93 -2.19 -6.21
CA GLY A 18 -8.53 -0.89 -6.72
C GLY A 18 -7.07 -0.92 -7.19
N ILE A 19 -6.21 -1.41 -6.32
CA ILE A 19 -4.80 -1.50 -6.64
C ILE A 19 -4.61 -2.34 -7.91
N SER A 20 -5.66 -3.08 -8.25
CA SER A 20 -5.62 -3.92 -9.44
C SER A 20 -6.09 -3.12 -10.65
N GLU A 21 -7.19 -2.41 -10.47
CA GLU A 21 -7.75 -1.60 -11.54
C GLU A 21 -6.86 -0.39 -11.81
N LYS A 22 -6.18 0.04 -10.76
CA LYS A 22 -5.30 1.19 -10.87
C LYS A 22 -3.88 0.71 -11.17
N LEU A 23 -3.40 -0.21 -10.34
CA LEU A 23 -2.07 -0.76 -10.51
C LEU A 23 -2.15 -2.01 -11.39
N HIS A 24 -3.19 -2.06 -12.20
CA HIS A 24 -3.39 -3.19 -13.10
C HIS A 24 -3.47 -4.48 -12.27
N ILE A 25 -4.17 -5.46 -12.84
CA ILE A 25 -4.33 -6.74 -12.18
C ILE A 25 -3.02 -7.12 -11.47
N SER A 26 -3.07 -7.12 -10.15
CA SER A 26 -1.90 -7.46 -9.36
C SER A 26 -2.26 -7.46 -7.87
N ILE A 27 -3.33 -8.20 -7.56
CA ILE A 27 -3.78 -8.30 -6.18
C ILE A 27 -2.90 -9.29 -5.42
N LYS A 28 -2.41 -10.29 -6.16
CA LYS A 28 -1.56 -11.30 -5.58
C LYS A 28 -0.23 -10.67 -5.18
N THR A 29 0.38 -10.00 -6.15
CA THR A 29 1.66 -9.34 -5.91
C THR A 29 1.57 -8.39 -4.72
N VAL A 30 0.40 -7.76 -4.60
CA VAL A 30 0.16 -6.82 -3.51
C VAL A 30 0.34 -7.54 -2.18
N GLU A 31 -0.19 -8.76 -2.12
CA GLU A 31 -0.09 -9.55 -0.91
C GLU A 31 1.36 -9.68 -0.46
N THR A 32 2.22 -10.01 -1.41
CA THR A 32 3.64 -10.16 -1.12
C THR A 32 4.27 -8.79 -0.83
N HIS A 33 3.82 -7.80 -1.58
CA HIS A 33 4.33 -6.45 -1.41
C HIS A 33 3.94 -5.92 -0.03
N ARG A 34 2.71 -6.23 0.37
CA ARG A 34 2.21 -5.80 1.66
C ARG A 34 3.17 -6.22 2.77
N MET A 35 3.61 -7.46 2.69
CA MET A 35 4.53 -7.99 3.68
C MET A 35 5.94 -7.42 3.48
N ASN A 36 6.19 -6.95 2.27
CA ASN A 36 7.48 -6.37 1.94
C ASN A 36 7.64 -5.04 2.67
N MET A 37 6.69 -4.15 2.44
CA MET A 37 6.72 -2.85 3.07
C MET A 37 6.40 -2.95 4.57
N MET A 38 5.92 -4.12 4.96
CA MET A 38 5.58 -4.36 6.35
C MET A 38 6.85 -4.49 7.21
N ARG A 39 7.83 -5.20 6.66
CA ARG A 39 9.08 -5.41 7.35
C ARG A 39 10.06 -4.27 7.05
N LYS A 40 9.73 -3.50 6.02
CA LYS A 40 10.56 -2.39 5.61
C LYS A 40 10.07 -1.12 6.33
N LEU A 41 8.80 -0.81 6.13
CA LEU A 41 8.21 0.36 6.74
C LEU A 41 7.92 0.07 8.23
N GLN A 42 7.82 -1.23 8.53
CA GLN A 42 7.56 -1.65 9.89
C GLN A 42 6.11 -1.31 10.27
N VAL A 43 5.21 -2.20 9.90
CA VAL A 43 3.80 -2.01 10.20
C VAL A 43 3.14 -3.37 10.44
N HIS A 44 1.83 -3.34 10.60
CA HIS A 44 1.07 -4.56 10.83
C HIS A 44 0.52 -5.08 9.51
N LYS A 45 -0.51 -4.41 9.02
CA LYS A 45 -1.13 -4.80 7.76
C LYS A 45 -1.50 -3.54 6.97
N VAL A 46 -2.16 -3.77 5.85
CA VAL A 46 -2.59 -2.66 5.00
C VAL A 46 -3.31 -1.62 5.85
N THR A 47 -4.10 -2.11 6.79
CA THR A 47 -4.85 -1.23 7.67
C THR A 47 -3.91 -0.31 8.45
N GLU A 48 -2.96 -0.95 9.13
CA GLU A 48 -1.99 -0.20 9.91
C GLU A 48 -1.02 0.55 8.99
N LEU A 49 -0.80 -0.04 7.82
CA LEU A 49 0.10 0.57 6.86
C LEU A 49 -0.44 1.94 6.44
N LEU A 50 -1.73 1.97 6.13
CA LEU A 50 -2.36 3.21 5.72
C LEU A 50 -2.19 4.25 6.83
N ASN A 51 -2.39 3.80 8.06
CA ASN A 51 -2.26 4.68 9.21
C ASN A 51 -0.82 5.19 9.28
N CYS A 52 0.08 4.44 8.66
CA CYS A 52 1.48 4.80 8.66
C CYS A 52 1.68 5.96 7.67
N ALA A 53 1.25 5.72 6.44
CA ALA A 53 1.37 6.73 5.40
C ALA A 53 0.64 8.01 5.84
N ARG A 54 -0.55 7.80 6.39
CA ARG A 54 -1.36 8.92 6.85
C ARG A 54 -0.69 9.60 8.04
N ARG A 55 -0.03 8.79 8.86
CA ARG A 55 0.65 9.31 10.03
C ARG A 55 1.75 10.28 9.62
N MET A 56 2.07 10.25 8.33
CA MET A 56 3.10 11.13 7.80
C MET A 56 2.49 12.14 6.81
N ARG A 57 2.36 11.69 5.57
CA ARG A 57 1.80 12.54 4.53
C ARG A 57 2.10 11.95 3.15
N LEU A 58 1.29 10.95 2.79
CA LEU A 58 1.45 10.29 1.51
C LEU A 58 0.10 10.26 0.78
N ILE A 59 -0.63 11.36 0.91
CA ILE A 59 -1.93 11.47 0.27
C ILE A 59 -1.82 12.39 -0.94
N GLU A 60 -1.49 13.64 -0.68
CA GLU A 60 -1.34 14.62 -1.75
C GLU A 60 -2.68 14.81 -2.47
N TYR A 61 -3.70 15.14 -1.69
CA TYR A 61 -5.03 15.35 -2.25
C TYR A 61 -5.66 16.63 -1.68
N LEU A 1 11.03 -2.06 -5.17
CA LEU A 1 10.29 -1.88 -6.41
C LEU A 1 8.83 -2.28 -6.20
N ARG A 2 8.64 -3.46 -5.62
CA ARG A 2 7.30 -3.95 -5.35
C ARG A 2 6.64 -3.13 -4.25
N GLU A 3 7.33 -3.05 -3.12
CA GLU A 3 6.82 -2.30 -1.98
C GLU A 3 7.02 -0.80 -2.21
N ARG A 4 7.87 -0.49 -3.18
CA ARG A 4 8.16 0.90 -3.50
C ARG A 4 7.03 1.51 -4.33
N GLN A 5 6.60 0.75 -5.32
CA GLN A 5 5.52 1.19 -6.18
C GLN A 5 4.18 1.13 -5.45
N VAL A 6 3.97 0.02 -4.76
CA VAL A 6 2.73 -0.18 -4.01
C VAL A 6 2.63 0.90 -2.94
N LEU A 7 3.64 0.94 -2.08
CA LEU A 7 3.66 1.92 -1.00
C LEU A 7 3.42 3.32 -1.57
N LYS A 8 3.84 3.49 -2.82
CA LYS A 8 3.68 4.77 -3.50
C LYS A 8 2.19 5.03 -3.71
N LEU A 9 1.55 4.10 -4.39
CA LEU A 9 0.12 4.22 -4.68
C LEU A 9 -0.66 4.09 -3.38
N ILE A 10 -0.23 3.13 -2.56
CA ILE A 10 -0.89 2.90 -1.28
C ILE A 10 -0.87 4.19 -0.46
N ASP A 11 0.26 4.88 -0.53
CA ASP A 11 0.42 6.13 0.21
C ASP A 11 -0.73 7.08 -0.15
N GLU A 12 -1.03 7.13 -1.44
CA GLU A 12 -2.10 7.98 -1.93
C GLU A 12 -3.47 7.37 -1.59
N GLY A 13 -3.55 6.06 -1.78
CA GLY A 13 -4.79 5.35 -1.51
C GLY A 13 -4.79 3.97 -2.16
N TYR A 14 -5.63 3.81 -3.16
CA TYR A 14 -5.73 2.54 -3.86
C TYR A 14 -6.06 1.40 -2.90
N THR A 15 -7.24 1.50 -2.30
CA THR A 15 -7.69 0.48 -1.35
C THR A 15 -7.15 -0.89 -1.76
N ASN A 16 -7.58 -1.34 -2.93
CA ASN A 16 -7.17 -2.63 -3.45
C ASN A 16 -7.48 -2.71 -4.94
N HIS A 17 -8.68 -2.24 -5.28
CA HIS A 17 -9.10 -2.25 -6.67
C HIS A 17 -8.22 -1.32 -7.50
N GLY A 18 -7.98 -0.14 -6.93
CA GLY A 18 -7.16 0.85 -7.61
C GLY A 18 -5.74 0.31 -7.84
N ILE A 19 -5.12 -0.11 -6.75
CA ILE A 19 -3.77 -0.65 -6.83
C ILE A 19 -3.69 -1.68 -7.95
N SER A 20 -4.77 -2.44 -8.09
CA SER A 20 -4.84 -3.45 -9.12
C SER A 20 -4.80 -2.81 -10.50
N GLU A 21 -5.51 -1.70 -10.63
CA GLU A 21 -5.56 -0.98 -11.89
C GLU A 21 -4.26 -0.21 -12.11
N LYS A 22 -3.51 -0.06 -11.03
CA LYS A 22 -2.25 0.66 -11.09
C LYS A 22 -1.12 -0.33 -11.42
N LEU A 23 -0.97 -1.32 -10.55
CA LEU A 23 0.05 -2.33 -10.75
C LEU A 23 -0.42 -3.34 -11.80
N HIS A 24 -1.61 -3.87 -11.57
CA HIS A 24 -2.18 -4.85 -12.49
C HIS A 24 -3.22 -5.69 -11.76
N ILE A 25 -4.32 -5.96 -12.46
CA ILE A 25 -5.40 -6.75 -11.88
C ILE A 25 -4.79 -7.94 -11.14
N SER A 26 -4.78 -7.83 -9.81
CA SER A 26 -4.25 -8.88 -8.97
C SER A 26 -4.31 -8.46 -7.50
N ILE A 27 -5.50 -8.08 -7.08
CA ILE A 27 -5.71 -7.66 -5.70
C ILE A 27 -5.02 -8.64 -4.76
N LYS A 28 -4.97 -9.89 -5.18
CA LYS A 28 -4.35 -10.93 -4.39
C LYS A 28 -2.84 -10.66 -4.30
N THR A 29 -2.26 -10.32 -5.45
CA THR A 29 -0.84 -10.03 -5.52
C THR A 29 -0.49 -8.89 -4.57
N VAL A 30 -1.35 -7.89 -4.54
CA VAL A 30 -1.14 -6.73 -3.69
C VAL A 30 -0.94 -7.19 -2.25
N GLU A 31 -1.75 -8.17 -1.85
CA GLU A 31 -1.67 -8.72 -0.51
C GLU A 31 -0.25 -9.19 -0.21
N THR A 32 0.29 -9.96 -1.15
CA THR A 32 1.64 -10.48 -1.01
C THR A 32 2.63 -9.35 -0.72
N HIS A 33 2.35 -8.20 -1.33
CA HIS A 33 3.21 -7.04 -1.15
C HIS A 33 2.99 -6.46 0.25
N ARG A 34 1.74 -6.53 0.70
CA ARG A 34 1.38 -6.01 2.02
C ARG A 34 2.37 -6.52 3.06
N MET A 35 2.67 -7.81 2.98
CA MET A 35 3.59 -8.43 3.92
C MET A 35 5.02 -7.98 3.65
N ASN A 36 5.36 -7.89 2.37
CA ASN A 36 6.68 -7.47 1.97
C ASN A 36 7.00 -6.10 2.60
N MET A 37 6.06 -5.19 2.46
CA MET A 37 6.22 -3.86 3.00
C MET A 37 6.48 -3.91 4.50
N MET A 38 5.72 -4.76 5.18
CA MET A 38 5.86 -4.90 6.61
C MET A 38 7.11 -5.72 6.96
N ARG A 39 7.77 -6.20 5.92
CA ARG A 39 8.98 -6.98 6.10
C ARG A 39 10.21 -6.08 6.10
N LYS A 40 10.21 -5.12 5.18
CA LYS A 40 11.31 -4.18 5.07
C LYS A 40 11.05 -2.99 5.98
N LEU A 41 9.85 -2.44 5.86
CA LEU A 41 9.46 -1.29 6.66
C LEU A 41 9.31 -1.72 8.12
N GLN A 42 8.49 -2.74 8.32
CA GLN A 42 8.26 -3.25 9.66
C GLN A 42 7.12 -2.47 10.34
N VAL A 43 6.15 -2.07 9.54
CA VAL A 43 5.03 -1.32 10.05
C VAL A 43 3.95 -2.28 10.53
N HIS A 44 2.70 -1.88 10.34
CA HIS A 44 1.57 -2.70 10.76
C HIS A 44 0.90 -3.32 9.53
N LYS A 45 0.01 -2.54 8.92
CA LYS A 45 -0.70 -3.00 7.74
C LYS A 45 -0.71 -1.89 6.70
N VAL A 46 -1.57 -2.06 5.70
CA VAL A 46 -1.69 -1.09 4.63
C VAL A 46 -2.09 0.27 5.23
N THR A 47 -3.16 0.24 6.02
CA THR A 47 -3.66 1.45 6.66
C THR A 47 -2.51 2.18 7.36
N GLU A 48 -1.72 1.41 8.09
CA GLU A 48 -0.60 1.97 8.82
C GLU A 48 0.38 2.66 7.86
N LEU A 49 0.70 1.95 6.78
CA LEU A 49 1.60 2.48 5.78
C LEU A 49 1.03 3.79 5.21
N LEU A 50 -0.30 3.82 5.14
CA LEU A 50 -0.98 4.99 4.62
C LEU A 50 -0.69 6.19 5.53
N ASN A 51 -0.50 5.89 6.81
CA ASN A 51 -0.22 6.92 7.79
C ASN A 51 1.29 7.14 7.88
N CYS A 52 2.02 6.28 7.19
CA CYS A 52 3.48 6.37 7.17
C CYS A 52 3.89 7.28 6.01
N ALA A 53 3.52 6.87 4.81
CA ALA A 53 3.85 7.62 3.62
C ALA A 53 3.20 9.01 3.70
N ARG A 54 1.89 8.99 3.91
CA ARG A 54 1.14 10.23 4.02
C ARG A 54 1.60 11.03 5.24
N ARG A 55 1.54 10.39 6.39
CA ARG A 55 1.94 11.02 7.63
C ARG A 55 1.00 12.19 7.96
N MET A 56 -0.27 11.85 8.11
CA MET A 56 -1.27 12.86 8.42
C MET A 56 -2.42 12.25 9.25
N ARG A 57 -2.86 11.09 8.81
CA ARG A 57 -3.94 10.39 9.50
C ARG A 57 -5.23 11.20 9.39
N LEU A 58 -5.65 11.43 8.14
CA LEU A 58 -6.86 12.17 7.88
C LEU A 58 -6.97 12.44 6.38
N ILE A 59 -7.37 11.42 5.65
CA ILE A 59 -7.52 11.53 4.21
C ILE A 59 -8.92 11.06 3.81
N GLU A 60 -9.29 9.90 4.33
CA GLU A 60 -10.59 9.31 4.04
C GLU A 60 -10.72 9.04 2.53
N TYR A 61 -9.63 8.57 1.95
CA TYR A 61 -9.61 8.27 0.53
C TYR A 61 -10.62 7.18 0.19
N LEU A 1 10.11 1.94 -4.44
CA LEU A 1 9.69 2.08 -5.82
C LEU A 1 8.43 1.25 -6.04
N ARG A 2 8.59 -0.06 -5.90
CA ARG A 2 7.47 -0.97 -6.09
C ARG A 2 6.37 -0.67 -5.06
N GLU A 3 6.76 -0.69 -3.80
CA GLU A 3 5.83 -0.43 -2.72
C GLU A 3 5.59 1.07 -2.57
N ARG A 4 6.63 1.84 -2.89
CA ARG A 4 6.55 3.28 -2.79
C ARG A 4 5.34 3.80 -3.58
N GLN A 5 5.05 3.11 -4.67
CA GLN A 5 3.93 3.49 -5.51
C GLN A 5 2.64 2.82 -5.01
N VAL A 6 2.79 1.61 -4.51
CA VAL A 6 1.65 0.86 -4.00
C VAL A 6 1.19 1.49 -2.67
N LEU A 7 2.16 1.80 -1.84
CA LEU A 7 1.88 2.41 -0.54
C LEU A 7 1.16 3.74 -0.76
N LYS A 8 1.85 4.65 -1.41
CA LYS A 8 1.29 5.97 -1.69
C LYS A 8 -0.14 5.81 -2.20
N LEU A 9 -0.33 4.76 -2.99
CA LEU A 9 -1.64 4.48 -3.56
C LEU A 9 -2.55 3.89 -2.48
N ILE A 10 -2.08 2.79 -1.91
CA ILE A 10 -2.84 2.11 -0.86
C ILE A 10 -3.38 3.15 0.12
N ASP A 11 -2.55 4.16 0.38
CA ASP A 11 -2.93 5.22 1.30
C ASP A 11 -4.18 5.92 0.78
N GLU A 12 -4.11 6.31 -0.49
CA GLU A 12 -5.23 6.99 -1.13
C GLU A 12 -6.53 6.24 -0.85
N GLY A 13 -6.40 4.96 -0.56
CA GLY A 13 -7.55 4.12 -0.27
C GLY A 13 -7.77 3.10 -1.39
N TYR A 14 -7.21 1.92 -1.19
CA TYR A 14 -7.33 0.85 -2.18
C TYR A 14 -6.90 -0.49 -1.58
N THR A 15 -7.72 -0.98 -0.67
CA THR A 15 -7.45 -2.26 -0.02
C THR A 15 -6.57 -3.13 -0.91
N ASN A 16 -7.21 -3.90 -1.76
CA ASN A 16 -6.50 -4.79 -2.67
C ASN A 16 -7.13 -4.69 -4.06
N HIS A 17 -8.45 -4.81 -4.09
CA HIS A 17 -9.18 -4.74 -5.34
C HIS A 17 -8.93 -3.39 -6.02
N GLY A 18 -8.56 -2.41 -5.20
CA GLY A 18 -8.28 -1.08 -5.69
C GLY A 18 -6.89 -1.00 -6.30
N ILE A 19 -5.91 -1.43 -5.52
CA ILE A 19 -4.52 -1.42 -5.98
C ILE A 19 -4.42 -2.12 -7.34
N SER A 20 -5.05 -3.29 -7.41
CA SER A 20 -5.05 -4.07 -8.62
C SER A 20 -5.73 -3.28 -9.76
N GLU A 21 -6.78 -2.57 -9.39
CA GLU A 21 -7.52 -1.77 -10.35
C GLU A 21 -6.60 -0.73 -11.00
N LYS A 22 -5.68 -0.22 -10.20
CA LYS A 22 -4.74 0.76 -10.68
C LYS A 22 -3.48 0.07 -11.20
N LEU A 23 -3.02 -0.90 -10.41
CA LEU A 23 -1.83 -1.65 -10.77
C LEU A 23 -2.23 -2.85 -11.64
N HIS A 24 -3.37 -2.71 -12.30
CA HIS A 24 -3.88 -3.76 -13.15
C HIS A 24 -4.08 -5.04 -12.34
N ILE A 25 -5.02 -5.86 -12.79
CA ILE A 25 -5.32 -7.11 -12.11
C ILE A 25 -4.02 -7.74 -11.62
N SER A 26 -3.88 -7.80 -10.31
CA SER A 26 -2.69 -8.38 -9.70
C SER A 26 -2.79 -8.28 -8.17
N ILE A 27 -3.94 -8.68 -7.66
CA ILE A 27 -4.17 -8.65 -6.22
C ILE A 27 -3.06 -9.44 -5.52
N LYS A 28 -2.62 -10.50 -6.18
CA LYS A 28 -1.58 -11.35 -5.63
C LYS A 28 -0.26 -10.57 -5.60
N THR A 29 0.03 -9.92 -6.72
CA THR A 29 1.24 -9.13 -6.83
C THR A 29 1.38 -8.18 -5.65
N VAL A 30 0.25 -7.64 -5.23
CA VAL A 30 0.21 -6.71 -4.11
C VAL A 30 0.59 -7.46 -2.83
N GLU A 31 0.12 -8.69 -2.73
CA GLU A 31 0.40 -9.52 -1.57
C GLU A 31 1.90 -9.49 -1.26
N THR A 32 2.69 -9.65 -2.30
CA THR A 32 4.14 -9.66 -2.14
C THR A 32 4.64 -8.27 -1.72
N HIS A 33 4.08 -7.26 -2.37
CA HIS A 33 4.46 -5.89 -2.08
C HIS A 33 4.20 -5.59 -0.60
N ARG A 34 3.05 -6.08 -0.13
CA ARG A 34 2.66 -5.87 1.26
C ARG A 34 3.79 -6.31 2.19
N MET A 35 4.27 -7.53 1.95
CA MET A 35 5.35 -8.07 2.76
C MET A 35 6.52 -7.10 2.86
N ASN A 36 6.76 -6.41 1.75
CA ASN A 36 7.85 -5.45 1.69
C ASN A 36 7.54 -4.28 2.62
N MET A 37 6.32 -3.77 2.50
CA MET A 37 5.88 -2.66 3.32
C MET A 37 5.84 -3.04 4.80
N MET A 38 5.11 -4.11 5.08
CA MET A 38 4.98 -4.59 6.44
C MET A 38 6.36 -4.76 7.09
N ARG A 39 7.35 -5.01 6.24
CA ARG A 39 8.71 -5.19 6.73
C ARG A 39 9.45 -3.85 6.73
N LYS A 40 9.18 -3.06 5.71
CA LYS A 40 9.81 -1.76 5.59
C LYS A 40 9.24 -0.81 6.66
N LEU A 41 7.93 -0.64 6.60
CA LEU A 41 7.26 0.23 7.55
C LEU A 41 7.25 -0.44 8.93
N GLN A 42 7.36 -1.76 8.91
CA GLN A 42 7.37 -2.53 10.14
C GLN A 42 6.00 -2.42 10.84
N VAL A 43 4.96 -2.28 10.03
CA VAL A 43 3.62 -2.16 10.56
C VAL A 43 3.02 -3.55 10.74
N HIS A 44 1.70 -3.62 10.59
CA HIS A 44 1.00 -4.89 10.73
C HIS A 44 0.55 -5.37 9.35
N LYS A 45 -0.53 -4.77 8.86
CA LYS A 45 -1.07 -5.13 7.57
C LYS A 45 -1.35 -3.86 6.77
N VAL A 46 -2.16 -4.01 5.73
CA VAL A 46 -2.50 -2.89 4.88
C VAL A 46 -3.28 -1.86 5.69
N THR A 47 -4.09 -2.36 6.62
CA THR A 47 -4.89 -1.49 7.46
C THR A 47 -3.99 -0.58 8.29
N GLU A 48 -3.09 -1.21 9.04
CA GLU A 48 -2.18 -0.47 9.88
C GLU A 48 -1.29 0.45 9.02
N LEU A 49 -0.99 -0.03 7.83
CA LEU A 49 -0.17 0.74 6.91
C LEU A 49 -0.86 2.07 6.59
N LEU A 50 -2.15 1.98 6.31
CA LEU A 50 -2.93 3.17 5.99
C LEU A 50 -2.79 4.18 7.13
N ASN A 51 -2.80 3.67 8.35
CA ASN A 51 -2.67 4.53 9.52
C ASN A 51 -1.25 5.10 9.57
N CYS A 52 -0.35 4.45 8.85
CA CYS A 52 1.03 4.89 8.81
C CYS A 52 1.10 6.12 7.92
N ALA A 53 0.62 5.97 6.70
CA ALA A 53 0.63 7.06 5.74
C ALA A 53 -0.22 8.22 6.27
N ARG A 54 -1.39 7.86 6.77
CA ARG A 54 -2.31 8.84 7.32
C ARG A 54 -1.59 9.72 8.36
N ARG A 55 -0.59 9.12 8.99
CA ARG A 55 0.18 9.82 10.00
C ARG A 55 1.32 10.59 9.35
N MET A 56 1.91 9.98 8.32
CA MET A 56 3.02 10.60 7.62
C MET A 56 2.54 11.82 6.82
N ARG A 57 1.33 11.72 6.31
CA ARG A 57 0.75 12.81 5.54
C ARG A 57 1.58 13.06 4.28
N LEU A 58 1.80 11.99 3.52
CA LEU A 58 2.58 12.08 2.30
C LEU A 58 1.81 11.39 1.16
N ILE A 59 0.53 11.70 1.07
CA ILE A 59 -0.31 11.12 0.04
C ILE A 59 0.11 11.66 -1.32
N GLU A 60 0.25 12.98 -1.38
CA GLU A 60 0.64 13.63 -2.63
C GLU A 60 -0.44 13.46 -3.68
N TYR A 61 -1.64 13.91 -3.34
CA TYR A 61 -2.77 13.80 -4.25
C TYR A 61 -3.57 15.11 -4.29
N LEU A 1 10.81 -1.31 -5.14
CA LEU A 1 10.44 -1.26 -6.55
C LEU A 1 8.97 -1.70 -6.69
N ARG A 2 8.72 -2.92 -6.27
CA ARG A 2 7.36 -3.46 -6.34
C ARG A 2 6.46 -2.80 -5.30
N GLU A 3 6.98 -2.74 -4.08
CA GLU A 3 6.24 -2.14 -2.98
C GLU A 3 6.30 -0.62 -3.07
N ARG A 4 7.45 -0.13 -3.50
CA ARG A 4 7.65 1.30 -3.64
C ARG A 4 6.56 1.91 -4.53
N GLN A 5 6.19 1.16 -5.56
CA GLN A 5 5.18 1.61 -6.49
C GLN A 5 3.79 1.49 -5.86
N VAL A 6 3.62 0.45 -5.05
CA VAL A 6 2.36 0.22 -4.38
C VAL A 6 2.22 1.20 -3.22
N LEU A 7 3.26 1.26 -2.40
CA LEU A 7 3.25 2.15 -1.25
C LEU A 7 2.87 3.57 -1.70
N LYS A 8 3.28 3.88 -2.92
CA LYS A 8 2.99 5.19 -3.50
C LYS A 8 1.48 5.34 -3.67
N LEU A 9 0.90 4.41 -4.41
CA LEU A 9 -0.53 4.43 -4.67
C LEU A 9 -1.28 4.12 -3.37
N ILE A 10 -0.90 3.01 -2.75
CA ILE A 10 -1.53 2.59 -1.51
C ILE A 10 -1.71 3.81 -0.60
N ASP A 11 -0.69 4.66 -0.58
CA ASP A 11 -0.73 5.85 0.23
C ASP A 11 -1.91 6.73 -0.21
N GLU A 12 -2.04 6.87 -1.52
CA GLU A 12 -3.12 7.66 -2.07
C GLU A 12 -4.48 7.05 -1.72
N GLY A 13 -4.65 5.81 -2.15
CA GLY A 13 -5.89 5.10 -1.89
C GLY A 13 -6.17 4.07 -2.98
N TYR A 14 -6.17 2.81 -2.59
CA TYR A 14 -6.42 1.73 -3.53
C TYR A 14 -6.74 0.43 -2.80
N THR A 15 -7.91 0.41 -2.17
CA THR A 15 -8.34 -0.76 -1.43
C THR A 15 -7.57 -2.00 -1.88
N ASN A 16 -7.81 -2.39 -3.14
CA ASN A 16 -7.14 -3.55 -3.70
C ASN A 16 -7.38 -3.58 -5.22
N HIS A 17 -8.65 -3.57 -5.58
CA HIS A 17 -9.01 -3.59 -7.00
C HIS A 17 -8.35 -2.41 -7.71
N GLY A 18 -8.05 -1.39 -6.94
CA GLY A 18 -7.41 -0.20 -7.48
C GLY A 18 -5.94 -0.46 -7.82
N ILE A 19 -5.27 -1.13 -6.89
CA ILE A 19 -3.86 -1.44 -7.07
C ILE A 19 -3.71 -2.32 -8.32
N SER A 20 -4.79 -3.00 -8.67
CA SER A 20 -4.78 -3.86 -9.83
C SER A 20 -4.73 -3.03 -11.12
N GLU A 21 -5.64 -2.07 -11.20
CA GLU A 21 -5.72 -1.19 -12.35
C GLU A 21 -4.48 -0.30 -12.41
N LYS A 22 -3.71 -0.32 -11.34
CA LYS A 22 -2.51 0.49 -11.27
C LYS A 22 -1.32 -0.32 -11.79
N LEU A 23 -1.20 -1.54 -11.29
CA LEU A 23 -0.12 -2.43 -11.70
C LEU A 23 -0.71 -3.70 -12.32
N HIS A 24 -1.73 -3.50 -13.16
CA HIS A 24 -2.38 -4.61 -13.82
C HIS A 24 -2.98 -5.55 -12.75
N ILE A 25 -4.04 -6.23 -13.16
CA ILE A 25 -4.71 -7.16 -12.26
C ILE A 25 -3.66 -7.94 -11.46
N SER A 26 -3.80 -7.87 -10.14
CA SER A 26 -2.87 -8.56 -9.26
C SER A 26 -3.21 -8.24 -7.80
N ILE A 27 -4.49 -8.30 -7.49
CA ILE A 27 -4.95 -8.02 -6.14
C ILE A 27 -4.24 -8.95 -5.17
N LYS A 28 -4.08 -10.19 -5.60
CA LYS A 28 -3.42 -11.19 -4.77
C LYS A 28 -1.96 -10.78 -4.55
N THR A 29 -1.36 -10.29 -5.62
CA THR A 29 0.03 -9.87 -5.56
C THR A 29 0.22 -8.79 -4.49
N VAL A 30 -0.80 -7.95 -4.36
CA VAL A 30 -0.77 -6.88 -3.38
C VAL A 30 -0.67 -7.48 -1.98
N GLU A 31 -1.50 -8.49 -1.74
CA GLU A 31 -1.51 -9.14 -0.44
C GLU A 31 -0.10 -9.58 -0.05
N THR A 32 0.65 -9.99 -1.05
CA THR A 32 2.02 -10.43 -0.83
C THR A 32 2.97 -9.23 -0.77
N HIS A 33 2.64 -8.23 -1.58
CA HIS A 33 3.45 -7.03 -1.64
C HIS A 33 3.31 -6.24 -0.33
N ARG A 34 2.06 -6.06 0.07
CA ARG A 34 1.77 -5.33 1.30
C ARG A 34 2.52 -5.96 2.47
N MET A 35 2.43 -7.28 2.56
CA MET A 35 3.09 -8.01 3.63
C MET A 35 4.58 -7.65 3.69
N ASN A 36 5.18 -7.52 2.52
CA ASN A 36 6.59 -7.19 2.42
C ASN A 36 6.81 -5.80 3.03
N MET A 37 5.85 -4.91 2.77
CA MET A 37 5.93 -3.56 3.29
C MET A 37 5.83 -3.53 4.81
N MET A 38 5.14 -4.54 5.34
CA MET A 38 4.97 -4.64 6.78
C MET A 38 6.27 -5.01 7.47
N ARG A 39 7.07 -5.80 6.78
CA ARG A 39 8.35 -6.24 7.31
C ARG A 39 9.41 -5.15 7.10
N LYS A 40 9.40 -4.60 5.89
CA LYS A 40 10.35 -3.55 5.55
C LYS A 40 10.10 -2.32 6.43
N LEU A 41 8.89 -1.79 6.32
CA LEU A 41 8.51 -0.64 7.10
C LEU A 41 8.40 -1.02 8.57
N GLN A 42 8.25 -2.31 8.80
CA GLN A 42 8.14 -2.83 10.16
C GLN A 42 6.89 -2.28 10.84
N VAL A 43 5.85 -2.08 10.03
CA VAL A 43 4.60 -1.57 10.53
C VAL A 43 3.68 -2.74 10.90
N HIS A 44 2.38 -2.52 10.69
CA HIS A 44 1.40 -3.54 10.99
C HIS A 44 0.79 -4.06 9.69
N LYS A 45 -0.20 -3.33 9.20
CA LYS A 45 -0.87 -3.71 7.98
C LYS A 45 -0.87 -2.52 7.01
N VAL A 46 -1.57 -2.70 5.89
CA VAL A 46 -1.65 -1.66 4.90
C VAL A 46 -2.17 -0.37 5.54
N THR A 47 -3.02 -0.55 6.54
CA THR A 47 -3.59 0.58 7.26
C THR A 47 -2.50 1.33 8.02
N GLU A 48 -1.74 0.57 8.80
CA GLU A 48 -0.66 1.14 9.58
C GLU A 48 0.39 1.77 8.67
N LEU A 49 0.64 1.10 7.55
CA LEU A 49 1.61 1.58 6.59
C LEU A 49 1.10 2.88 5.96
N LEU A 50 -0.20 2.94 5.75
CA LEU A 50 -0.82 4.11 5.16
C LEU A 50 -0.43 5.35 5.98
N ASN A 51 -0.50 5.20 7.29
CA ASN A 51 -0.16 6.30 8.19
C ASN A 51 1.33 6.61 8.04
N CYS A 52 2.11 5.58 7.74
CA CYS A 52 3.54 5.73 7.58
C CYS A 52 3.79 6.69 6.42
N ALA A 53 3.24 6.33 5.26
CA ALA A 53 3.40 7.15 4.07
C ALA A 53 2.74 8.51 4.31
N ARG A 54 1.54 8.47 4.86
CA ARG A 54 0.79 9.68 5.14
C ARG A 54 1.63 10.61 6.02
N ARG A 55 2.26 10.02 7.02
CA ARG A 55 3.08 10.79 7.94
C ARG A 55 2.24 11.87 8.63
N MET A 56 1.11 11.44 9.19
CA MET A 56 0.22 12.35 9.87
C MET A 56 -0.32 13.42 8.92
N ARG A 57 -0.88 12.95 7.81
CA ARG A 57 -1.44 13.84 6.81
C ARG A 57 -2.87 14.23 7.19
N LEU A 58 -3.70 13.20 7.36
CA LEU A 58 -5.10 13.42 7.71
C LEU A 58 -5.84 13.99 6.50
N ILE A 59 -5.98 13.14 5.49
CA ILE A 59 -6.67 13.54 4.27
C ILE A 59 -8.04 12.86 4.23
N GLU A 60 -8.11 11.69 4.83
CA GLU A 60 -9.36 10.93 4.87
C GLU A 60 -9.85 10.65 3.45
N TYR A 61 -8.93 10.14 2.64
CA TYR A 61 -9.27 9.82 1.26
C TYR A 61 -10.12 8.55 1.17
N LEU A 1 11.29 -2.04 -4.63
CA LEU A 1 10.86 -1.76 -5.99
C LEU A 1 9.36 -2.00 -6.13
N ARG A 2 9.00 -3.27 -6.13
CA ARG A 2 7.60 -3.64 -6.25
C ARG A 2 6.78 -3.00 -5.13
N GLU A 3 7.23 -3.24 -3.90
CA GLU A 3 6.55 -2.70 -2.75
C GLU A 3 6.54 -1.17 -2.80
N ARG A 4 7.72 -0.62 -3.04
CA ARG A 4 7.87 0.83 -3.13
C ARG A 4 6.93 1.40 -4.19
N GLN A 5 6.71 0.61 -5.24
CA GLN A 5 5.84 1.01 -6.33
C GLN A 5 4.41 1.19 -5.83
N VAL A 6 3.93 0.17 -5.13
CA VAL A 6 2.58 0.20 -4.58
C VAL A 6 2.51 1.25 -3.47
N LEU A 7 3.48 1.18 -2.58
CA LEU A 7 3.53 2.12 -1.46
C LEU A 7 3.47 3.54 -1.99
N LYS A 8 3.80 3.68 -3.27
CA LYS A 8 3.78 4.99 -3.91
C LYS A 8 2.34 5.37 -4.22
N LEU A 9 1.66 4.48 -4.93
CA LEU A 9 0.27 4.73 -5.30
C LEU A 9 -0.62 4.61 -4.05
N ILE A 10 -0.33 3.60 -3.26
CA ILE A 10 -1.09 3.37 -2.04
C ILE A 10 -1.08 4.64 -1.19
N ASP A 11 0.11 5.21 -1.05
CA ASP A 11 0.26 6.43 -0.26
C ASP A 11 -0.66 7.52 -0.84
N GLU A 12 -0.77 7.53 -2.15
CA GLU A 12 -1.62 8.49 -2.83
C GLU A 12 -3.04 7.95 -2.99
N GLY A 13 -3.39 7.04 -2.09
CA GLY A 13 -4.70 6.43 -2.12
C GLY A 13 -4.79 5.35 -3.21
N TYR A 14 -5.25 4.19 -2.80
CA TYR A 14 -5.39 3.07 -3.73
C TYR A 14 -5.62 1.76 -2.98
N THR A 15 -6.86 1.56 -2.55
CA THR A 15 -7.21 0.35 -1.83
C THR A 15 -6.57 -0.87 -2.48
N ASN A 16 -7.34 -1.51 -3.34
CA ASN A 16 -6.87 -2.69 -4.04
C ASN A 16 -7.39 -2.67 -5.48
N HIS A 17 -8.71 -2.59 -5.60
CA HIS A 17 -9.34 -2.57 -6.91
C HIS A 17 -8.60 -1.58 -7.82
N GLY A 18 -8.04 -0.55 -7.19
CA GLY A 18 -7.30 0.46 -7.94
C GLY A 18 -5.89 -0.02 -8.25
N ILE A 19 -5.27 -0.68 -7.28
CA ILE A 19 -3.93 -1.20 -7.44
C ILE A 19 -3.93 -2.27 -8.54
N SER A 20 -5.09 -2.86 -8.74
CA SER A 20 -5.24 -3.89 -9.76
C SER A 20 -5.23 -3.26 -11.14
N GLU A 21 -6.10 -2.27 -11.31
CA GLU A 21 -6.19 -1.58 -12.59
C GLU A 21 -4.92 -0.79 -12.87
N LYS A 22 -4.16 -0.55 -11.81
CA LYS A 22 -2.91 0.19 -11.92
C LYS A 22 -1.75 -0.80 -12.13
N LEU A 23 -1.65 -1.74 -11.19
CA LEU A 23 -0.60 -2.73 -11.26
C LEU A 23 -1.16 -4.02 -11.86
N HIS A 24 -2.12 -3.85 -12.74
CA HIS A 24 -2.76 -4.98 -13.40
C HIS A 24 -3.42 -5.88 -12.35
N ILE A 25 -4.59 -6.39 -12.69
CA ILE A 25 -5.33 -7.26 -11.79
C ILE A 25 -4.35 -8.15 -11.03
N SER A 26 -4.36 -8.00 -9.71
CA SER A 26 -3.48 -8.77 -8.85
C SER A 26 -3.72 -8.39 -7.39
N ILE A 27 -4.99 -8.29 -7.03
CA ILE A 27 -5.37 -7.94 -5.67
C ILE A 27 -4.65 -8.89 -4.70
N LYS A 28 -4.60 -10.15 -5.09
CA LYS A 28 -3.95 -11.16 -4.27
C LYS A 28 -2.48 -10.83 -4.12
N THR A 29 -1.86 -10.48 -5.24
CA THR A 29 -0.45 -10.14 -5.24
C THR A 29 -0.16 -9.05 -4.20
N VAL A 30 -1.11 -8.16 -4.04
CA VAL A 30 -0.98 -7.07 -3.09
C VAL A 30 -0.92 -7.65 -1.68
N GLU A 31 -1.74 -8.67 -1.46
CA GLU A 31 -1.80 -9.32 -0.16
C GLU A 31 -0.39 -9.69 0.31
N THR A 32 0.36 -10.29 -0.59
CA THR A 32 1.72 -10.71 -0.28
C THR A 32 2.66 -9.50 -0.29
N HIS A 33 2.52 -8.68 -1.33
CA HIS A 33 3.34 -7.49 -1.47
C HIS A 33 3.27 -6.66 -0.18
N ARG A 34 2.06 -6.57 0.35
CA ARG A 34 1.84 -5.81 1.57
C ARG A 34 2.70 -6.37 2.70
N MET A 35 2.51 -7.66 2.97
CA MET A 35 3.25 -8.33 4.01
C MET A 35 4.72 -7.89 4.01
N ASN A 36 5.20 -7.56 2.82
CA ASN A 36 6.58 -7.13 2.66
C ASN A 36 6.68 -5.64 2.98
N MET A 37 5.72 -4.89 2.45
CA MET A 37 5.69 -3.45 2.67
C MET A 37 5.61 -3.12 4.16
N MET A 38 5.09 -4.08 4.92
CA MET A 38 4.96 -3.90 6.36
C MET A 38 6.28 -4.18 7.07
N ARG A 39 6.88 -5.31 6.73
CA ARG A 39 8.14 -5.70 7.32
C ARG A 39 9.27 -4.81 6.80
N LYS A 40 8.90 -3.90 5.92
CA LYS A 40 9.86 -2.98 5.33
C LYS A 40 9.93 -1.71 6.18
N LEU A 41 8.80 -1.02 6.25
CA LEU A 41 8.73 0.21 7.02
C LEU A 41 8.29 -0.12 8.45
N GLN A 42 7.88 -1.37 8.64
CA GLN A 42 7.43 -1.82 9.95
C GLN A 42 6.10 -1.17 10.29
N VAL A 43 5.10 -1.46 9.47
CA VAL A 43 3.77 -0.91 9.69
C VAL A 43 2.78 -2.06 9.88
N HIS A 44 1.71 -1.77 10.60
CA HIS A 44 0.69 -2.76 10.86
C HIS A 44 0.17 -3.32 9.54
N LYS A 45 -0.71 -2.56 8.90
CA LYS A 45 -1.27 -2.98 7.62
C LYS A 45 -1.10 -1.86 6.61
N VAL A 46 -2.07 -1.76 5.71
CA VAL A 46 -2.04 -0.73 4.68
C VAL A 46 -2.46 0.61 5.28
N THR A 47 -3.38 0.52 6.24
CA THR A 47 -3.87 1.72 6.90
C THR A 47 -2.73 2.43 7.64
N GLU A 48 -2.11 1.69 8.55
CA GLU A 48 -1.02 2.24 9.33
C GLU A 48 0.16 2.61 8.41
N LEU A 49 0.35 1.79 7.39
CA LEU A 49 1.42 2.01 6.44
C LEU A 49 1.18 3.34 5.71
N LEU A 50 -0.07 3.53 5.30
CA LEU A 50 -0.44 4.75 4.59
C LEU A 50 0.04 5.96 5.38
N ASN A 51 -0.12 5.88 6.70
CA ASN A 51 0.29 6.96 7.57
C ASN A 51 1.82 7.07 7.55
N CYS A 52 2.45 5.95 7.26
CA CYS A 52 3.91 5.91 7.20
C CYS A 52 4.36 6.72 5.99
N ALA A 53 3.55 6.65 4.93
CA ALA A 53 3.86 7.37 3.72
C ALA A 53 3.27 8.78 3.79
N ARG A 54 2.01 8.84 4.17
CA ARG A 54 1.32 10.12 4.30
C ARG A 54 1.90 10.93 5.45
N ARG A 55 1.91 10.31 6.63
CA ARG A 55 2.44 10.95 7.82
C ARG A 55 1.59 12.18 8.17
N MET A 56 0.31 11.93 8.37
CA MET A 56 -0.62 13.00 8.71
C MET A 56 -1.38 12.67 9.99
N ARG A 57 -2.29 11.71 9.88
CA ARG A 57 -3.08 11.29 11.02
C ARG A 57 -3.87 10.03 10.68
N LEU A 58 -4.82 10.18 9.77
CA LEU A 58 -5.65 9.07 9.36
C LEU A 58 -5.51 8.87 7.84
N ILE A 59 -6.13 9.78 7.11
CA ILE A 59 -6.09 9.73 5.65
C ILE A 59 -6.95 8.56 5.17
N GLU A 60 -8.24 8.68 5.40
CA GLU A 60 -9.18 7.65 5.00
C GLU A 60 -9.28 7.59 3.47
N TYR A 61 -8.86 8.68 2.84
CA TYR A 61 -8.90 8.77 1.39
C TYR A 61 -10.19 8.16 0.83
N LEU A 1 9.91 1.52 -4.33
CA LEU A 1 9.60 1.55 -5.74
C LEU A 1 8.29 0.79 -5.99
N ARG A 2 8.35 -0.51 -5.76
CA ARG A 2 7.18 -1.36 -5.95
C ARG A 2 6.11 -1.04 -4.90
N GLU A 3 6.57 -0.96 -3.66
CA GLU A 3 5.67 -0.67 -2.55
C GLU A 3 5.40 0.84 -2.46
N ARG A 4 6.35 1.61 -3.00
CA ARG A 4 6.23 3.05 -3.00
C ARG A 4 5.09 3.50 -3.91
N GLN A 5 4.92 2.75 -4.99
CA GLN A 5 3.86 3.06 -5.95
C GLN A 5 2.51 2.60 -5.41
N VAL A 6 2.50 1.43 -4.78
CA VAL A 6 1.29 0.88 -4.22
C VAL A 6 0.95 1.61 -2.92
N LEU A 7 1.94 1.65 -2.04
CA LEU A 7 1.78 2.30 -0.76
C LEU A 7 1.20 3.70 -0.98
N LYS A 8 1.61 4.31 -2.08
CA LYS A 8 1.14 5.64 -2.41
C LYS A 8 -0.39 5.62 -2.61
N LEU A 9 -0.82 4.76 -3.52
CA LEU A 9 -2.23 4.62 -3.81
C LEU A 9 -2.93 4.00 -2.60
N ILE A 10 -2.30 2.98 -2.04
CA ILE A 10 -2.85 2.29 -0.89
C ILE A 10 -3.25 3.32 0.17
N ASP A 11 -2.56 4.45 0.14
CA ASP A 11 -2.83 5.51 1.10
C ASP A 11 -4.12 6.23 0.68
N GLU A 12 -4.22 6.52 -0.60
CA GLU A 12 -5.39 7.21 -1.12
C GLU A 12 -6.64 6.36 -0.89
N GLY A 13 -6.57 5.12 -1.36
CA GLY A 13 -7.68 4.21 -1.22
C GLY A 13 -7.75 3.23 -2.41
N TYR A 14 -7.43 1.99 -2.13
CA TYR A 14 -7.45 0.95 -3.15
C TYR A 14 -7.43 -0.44 -2.53
N THR A 15 -8.53 -0.78 -1.89
CA THR A 15 -8.64 -2.09 -1.24
C THR A 15 -7.62 -3.06 -1.82
N ASN A 16 -8.00 -3.71 -2.91
CA ASN A 16 -7.13 -4.67 -3.56
C ASN A 16 -7.43 -4.68 -5.06
N HIS A 17 -8.70 -4.83 -5.38
CA HIS A 17 -9.13 -4.87 -6.76
C HIS A 17 -8.75 -3.56 -7.46
N GLY A 18 -8.60 -2.52 -6.64
CA GLY A 18 -8.23 -1.22 -7.16
C GLY A 18 -6.77 -1.20 -7.62
N ILE A 19 -5.90 -1.69 -6.75
CA ILE A 19 -4.48 -1.73 -7.06
C ILE A 19 -4.26 -2.55 -8.33
N SER A 20 -5.14 -3.53 -8.52
CA SER A 20 -5.05 -4.39 -9.68
C SER A 20 -5.40 -3.60 -10.95
N GLU A 21 -6.38 -2.73 -10.81
CA GLU A 21 -6.81 -1.91 -11.93
C GLU A 21 -5.96 -0.64 -12.02
N LYS A 22 -5.17 -0.43 -10.97
CA LYS A 22 -4.31 0.75 -10.93
C LYS A 22 -2.95 0.40 -11.54
N LEU A 23 -2.29 -0.58 -10.92
CA LEU A 23 -0.99 -1.02 -11.40
C LEU A 23 -1.18 -2.09 -12.48
N HIS A 24 -2.04 -3.05 -12.18
CA HIS A 24 -2.31 -4.12 -13.12
C HIS A 24 -2.78 -5.36 -12.35
N ILE A 25 -3.70 -6.09 -12.97
CA ILE A 25 -4.22 -7.30 -12.36
C ILE A 25 -3.08 -8.05 -11.67
N SER A 26 -3.10 -8.01 -10.34
CA SER A 26 -2.08 -8.68 -9.57
C SER A 26 -2.43 -8.61 -8.07
N ILE A 27 -3.70 -8.78 -7.78
CA ILE A 27 -4.17 -8.74 -6.41
C ILE A 27 -3.26 -9.60 -5.53
N LYS A 28 -2.86 -10.73 -6.09
CA LYS A 28 -1.99 -11.66 -5.37
C LYS A 28 -0.64 -10.97 -5.10
N THR A 29 -0.18 -10.25 -6.11
CA THR A 29 1.09 -9.55 -5.98
C THR A 29 1.06 -8.59 -4.80
N VAL A 30 -0.05 -7.87 -4.69
CA VAL A 30 -0.22 -6.92 -3.61
C VAL A 30 -0.02 -7.62 -2.27
N GLU A 31 -0.51 -8.85 -2.21
CA GLU A 31 -0.40 -9.64 -0.99
C GLU A 31 1.07 -9.73 -0.56
N THR A 32 1.91 -10.11 -1.51
CA THR A 32 3.34 -10.24 -1.24
C THR A 32 3.98 -8.86 -1.09
N HIS A 33 3.59 -7.97 -2.00
CA HIS A 33 4.13 -6.61 -1.98
C HIS A 33 3.94 -6.01 -0.59
N ARG A 34 2.76 -6.23 -0.03
CA ARG A 34 2.45 -5.71 1.29
C ARG A 34 3.44 -6.26 2.32
N MET A 35 3.66 -7.56 2.26
CA MET A 35 4.58 -8.20 3.18
C MET A 35 5.89 -7.42 3.30
N ASN A 36 6.32 -6.88 2.16
CA ASN A 36 7.54 -6.11 2.11
C ASN A 36 7.36 -4.82 2.93
N MET A 37 6.21 -4.19 2.73
CA MET A 37 5.90 -2.97 3.44
C MET A 37 5.89 -3.18 4.95
N MET A 38 5.49 -4.39 5.34
CA MET A 38 5.42 -4.73 6.75
C MET A 38 6.83 -4.89 7.33
N ARG A 39 7.75 -5.30 6.47
CA ARG A 39 9.13 -5.50 6.89
C ARG A 39 9.91 -4.18 6.78
N LYS A 40 9.42 -3.31 5.91
CA LYS A 40 10.05 -2.02 5.70
C LYS A 40 9.53 -1.03 6.74
N LEU A 41 8.21 -0.88 6.77
CA LEU A 41 7.58 0.02 7.70
C LEU A 41 7.61 -0.59 9.11
N GLN A 42 7.81 -1.90 9.13
CA GLN A 42 7.85 -2.62 10.40
C GLN A 42 6.49 -2.61 11.07
N VAL A 43 5.47 -2.28 10.27
CA VAL A 43 4.11 -2.23 10.78
C VAL A 43 3.58 -3.65 10.97
N HIS A 44 2.36 -3.86 10.51
CA HIS A 44 1.73 -5.17 10.62
C HIS A 44 1.19 -5.59 9.26
N LYS A 45 0.13 -4.90 8.84
CA LYS A 45 -0.49 -5.20 7.56
C LYS A 45 -0.72 -3.90 6.79
N VAL A 46 -1.69 -3.94 5.89
CA VAL A 46 -2.02 -2.77 5.09
C VAL A 46 -2.72 -1.74 5.97
N THR A 47 -3.44 -2.25 6.96
CA THR A 47 -4.17 -1.38 7.87
C THR A 47 -3.19 -0.53 8.68
N GLU A 48 -2.33 -1.21 9.41
CA GLU A 48 -1.34 -0.53 10.24
C GLU A 48 -0.49 0.40 9.38
N LEU A 49 -0.10 -0.09 8.22
CA LEU A 49 0.71 0.69 7.31
C LEU A 49 -0.09 1.91 6.84
N LEU A 50 -1.36 1.66 6.52
CA LEU A 50 -2.22 2.73 6.06
C LEU A 50 -2.11 3.92 7.00
N ASN A 51 -1.92 3.62 8.28
CA ASN A 51 -1.80 4.66 9.29
C ASN A 51 -0.42 5.30 9.17
N CYS A 52 0.54 4.50 8.75
CA CYS A 52 1.91 4.98 8.59
C CYS A 52 1.89 6.16 7.62
N ALA A 53 1.33 5.91 6.44
CA ALA A 53 1.25 6.94 5.42
C ALA A 53 0.29 8.04 5.88
N ARG A 54 -0.89 7.61 6.30
CA ARG A 54 -1.90 8.54 6.78
C ARG A 54 -1.32 9.47 7.83
N ARG A 55 -0.23 9.02 8.43
CA ARG A 55 0.44 9.81 9.45
C ARG A 55 1.89 10.12 9.04
N MET A 56 2.04 10.42 7.75
CA MET A 56 3.35 10.73 7.21
C MET A 56 3.55 12.25 7.09
N ARG A 57 2.61 12.88 6.43
CA ARG A 57 2.67 14.32 6.24
C ARG A 57 1.27 14.88 5.94
N LEU A 58 0.84 14.67 4.70
CA LEU A 58 -0.46 15.14 4.27
C LEU A 58 -1.16 14.04 3.46
N ILE A 59 -0.43 13.54 2.47
CA ILE A 59 -0.96 12.49 1.62
C ILE A 59 -2.40 12.84 1.21
N GLU A 60 -2.67 14.14 1.19
CA GLU A 60 -4.00 14.61 0.83
C GLU A 60 -4.28 14.32 -0.65
N TYR A 61 -3.41 14.84 -1.50
CA TYR A 61 -3.56 14.64 -2.92
C TYR A 61 -5.00 14.92 -3.38
N LEU A 1 11.29 -1.02 -3.61
CA LEU A 1 11.27 -1.29 -5.04
C LEU A 1 9.89 -1.84 -5.43
N ARG A 2 9.65 -3.09 -5.04
CA ARG A 2 8.39 -3.74 -5.34
C ARG A 2 7.28 -3.17 -4.47
N GLU A 3 7.61 -2.96 -3.19
CA GLU A 3 6.65 -2.42 -2.24
C GLU A 3 6.61 -0.90 -2.35
N ARG A 4 7.76 -0.32 -2.69
CA ARG A 4 7.87 1.12 -2.83
C ARG A 4 6.96 1.62 -3.96
N GLN A 5 7.00 0.88 -5.06
CA GLN A 5 6.19 1.23 -6.21
C GLN A 5 4.70 1.07 -5.90
N VAL A 6 4.38 -0.05 -5.28
CA VAL A 6 3.00 -0.34 -4.91
C VAL A 6 2.59 0.58 -3.75
N LEU A 7 3.54 0.84 -2.87
CA LEU A 7 3.29 1.69 -1.72
C LEU A 7 2.92 3.09 -2.21
N LYS A 8 3.86 3.71 -2.91
CA LYS A 8 3.63 5.05 -3.44
C LYS A 8 2.24 5.13 -4.06
N LEU A 9 1.85 4.05 -4.71
CA LEU A 9 0.55 3.99 -5.34
C LEU A 9 -0.53 3.78 -4.28
N ILE A 10 -0.35 2.71 -3.50
CA ILE A 10 -1.29 2.38 -2.45
C ILE A 10 -1.51 3.63 -1.57
N ASP A 11 -0.50 4.49 -1.55
CA ASP A 11 -0.57 5.70 -0.76
C ASP A 11 -1.67 6.60 -1.32
N GLU A 12 -1.50 6.98 -2.58
CA GLU A 12 -2.47 7.84 -3.24
C GLU A 12 -3.87 7.26 -3.10
N GLY A 13 -3.93 5.97 -2.81
CA GLY A 13 -5.19 5.28 -2.65
C GLY A 13 -5.16 3.91 -3.32
N TYR A 14 -6.34 3.48 -3.75
CA TYR A 14 -6.47 2.19 -4.41
C TYR A 14 -6.34 1.04 -3.40
N THR A 15 -7.38 0.90 -2.59
CA THR A 15 -7.39 -0.14 -1.57
C THR A 15 -6.73 -1.41 -2.11
N ASN A 16 -7.34 -1.96 -3.16
CA ASN A 16 -6.81 -3.17 -3.77
C ASN A 16 -7.28 -3.24 -5.22
N HIS A 17 -8.58 -3.12 -5.40
CA HIS A 17 -9.17 -3.17 -6.73
C HIS A 17 -8.57 -2.06 -7.59
N GLY A 18 -7.99 -1.07 -6.91
CA GLY A 18 -7.37 0.04 -7.61
C GLY A 18 -5.96 -0.31 -8.10
N ILE A 19 -5.18 -0.88 -7.18
CA ILE A 19 -3.83 -1.28 -7.50
C ILE A 19 -3.84 -2.32 -8.62
N SER A 20 -5.03 -2.88 -8.83
CA SER A 20 -5.19 -3.89 -9.87
C SER A 20 -5.44 -3.21 -11.22
N GLU A 21 -6.32 -2.22 -11.19
CA GLU A 21 -6.66 -1.48 -12.39
C GLU A 21 -5.62 -0.40 -12.67
N LYS A 22 -4.92 -0.02 -11.61
CA LYS A 22 -3.89 1.01 -11.71
C LYS A 22 -2.54 0.35 -12.02
N LEU A 23 -2.17 -0.57 -11.14
CA LEU A 23 -0.91 -1.28 -11.31
C LEU A 23 -1.09 -2.40 -12.32
N HIS A 24 -2.08 -3.24 -12.06
CA HIS A 24 -2.37 -4.36 -12.93
C HIS A 24 -3.13 -5.44 -12.15
N ILE A 25 -4.12 -6.01 -12.80
CA ILE A 25 -4.93 -7.05 -12.19
C ILE A 25 -4.01 -8.00 -11.40
N SER A 26 -4.03 -7.84 -10.09
CA SER A 26 -3.21 -8.66 -9.22
C SER A 26 -3.44 -8.28 -7.76
N ILE A 27 -4.70 -8.26 -7.38
CA ILE A 27 -5.07 -7.91 -6.02
C ILE A 27 -4.45 -8.92 -5.05
N LYS A 28 -4.27 -10.13 -5.54
CA LYS A 28 -3.68 -11.18 -4.74
C LYS A 28 -2.19 -10.89 -4.53
N THR A 29 -1.58 -10.36 -5.57
CA THR A 29 -0.16 -10.03 -5.52
C THR A 29 0.09 -8.92 -4.49
N VAL A 30 -0.87 -8.01 -4.41
CA VAL A 30 -0.77 -6.91 -3.47
C VAL A 30 -0.87 -7.44 -2.04
N GLU A 31 -1.62 -8.51 -1.90
CA GLU A 31 -1.81 -9.12 -0.59
C GLU A 31 -0.46 -9.56 -0.02
N THR A 32 0.24 -10.37 -0.78
CA THR A 32 1.55 -10.86 -0.36
C THR A 32 2.51 -9.70 -0.17
N HIS A 33 2.38 -8.71 -1.03
CA HIS A 33 3.24 -7.54 -0.97
C HIS A 33 2.88 -6.71 0.27
N ARG A 34 1.59 -6.57 0.50
CA ARG A 34 1.11 -5.80 1.64
C ARG A 34 1.89 -6.19 2.90
N MET A 35 2.10 -7.49 3.05
CA MET A 35 2.83 -8.00 4.20
C MET A 35 4.30 -7.56 4.15
N ASN A 36 4.88 -7.67 2.97
CA ASN A 36 6.27 -7.30 2.78
C ASN A 36 6.50 -5.89 3.35
N MET A 37 5.55 -5.01 3.05
CA MET A 37 5.64 -3.64 3.54
C MET A 37 5.73 -3.59 5.06
N MET A 38 4.83 -4.32 5.70
CA MET A 38 4.79 -4.38 7.15
C MET A 38 6.03 -5.07 7.71
N ARG A 39 6.83 -5.62 6.79
CA ARG A 39 8.04 -6.30 7.17
C ARG A 39 9.23 -5.33 7.18
N LYS A 40 9.23 -4.45 6.21
CA LYS A 40 10.29 -3.47 6.09
C LYS A 40 9.89 -2.19 6.86
N LEU A 41 8.69 -1.73 6.57
CA LEU A 41 8.17 -0.54 7.21
C LEU A 41 7.90 -0.83 8.69
N GLN A 42 7.41 -2.04 8.93
CA GLN A 42 7.10 -2.46 10.28
C GLN A 42 5.94 -1.64 10.85
N VAL A 43 5.09 -1.17 9.93
CA VAL A 43 3.94 -0.37 10.31
C VAL A 43 2.74 -1.29 10.56
N HIS A 44 1.56 -0.69 10.52
CA HIS A 44 0.33 -1.45 10.72
C HIS A 44 -0.42 -1.57 9.40
N LYS A 45 -0.37 -2.77 8.83
CA LYS A 45 -1.05 -3.03 7.58
C LYS A 45 -0.71 -1.92 6.58
N VAL A 46 -1.34 -2.01 5.42
CA VAL A 46 -1.12 -1.01 4.38
C VAL A 46 -1.81 0.29 4.77
N THR A 47 -2.79 0.16 5.65
CA THR A 47 -3.54 1.32 6.11
C THR A 47 -2.59 2.36 6.70
N GLU A 48 -1.76 1.91 7.62
CA GLU A 48 -0.80 2.79 8.27
C GLU A 48 0.21 3.32 7.25
N LEU A 49 0.35 2.57 6.17
CA LEU A 49 1.27 2.95 5.10
C LEU A 49 0.76 4.21 4.41
N LEU A 50 -0.54 4.22 4.14
CA LEU A 50 -1.16 5.35 3.48
C LEU A 50 -0.93 6.61 4.33
N ASN A 51 -1.03 6.43 5.64
CA ASN A 51 -0.84 7.54 6.56
C ASN A 51 0.65 7.80 6.73
N CYS A 52 1.45 6.87 6.23
CA CYS A 52 2.90 6.99 6.31
C CYS A 52 3.38 7.81 5.11
N ALA A 53 3.10 7.27 3.92
CA ALA A 53 3.50 7.94 2.69
C ALA A 53 3.00 9.38 2.72
N ARG A 54 1.85 9.57 3.34
CA ARG A 54 1.25 10.89 3.43
C ARG A 54 1.78 11.62 4.66
N ARG A 55 1.78 10.91 5.79
CA ARG A 55 2.25 11.48 7.03
C ARG A 55 1.41 12.70 7.41
N MET A 56 0.10 12.51 7.37
CA MET A 56 -0.81 13.59 7.71
C MET A 56 -1.12 13.61 9.21
N ARG A 57 -1.84 12.58 9.65
CA ARG A 57 -2.20 12.47 11.05
C ARG A 57 -3.00 11.18 11.28
N LEU A 58 -4.08 11.05 10.53
CA LEU A 58 -4.93 9.88 10.65
C LEU A 58 -5.90 9.83 9.47
N ILE A 59 -5.37 10.20 8.31
CA ILE A 59 -6.17 10.21 7.10
C ILE A 59 -6.85 8.85 6.93
N GLU A 60 -6.09 7.80 7.20
CA GLU A 60 -6.60 6.45 7.09
C GLU A 60 -7.20 6.22 5.70
N TYR A 61 -6.48 6.69 4.70
CA TYR A 61 -6.93 6.55 3.32
C TYR A 61 -7.13 5.07 2.96
N LEU A 1 10.87 -2.55 -4.99
CA LEU A 1 10.25 -2.27 -6.26
C LEU A 1 8.72 -2.36 -6.12
N ARG A 2 8.27 -3.55 -5.77
CA ARG A 2 6.85 -3.79 -5.59
C ARG A 2 6.30 -2.90 -4.47
N GLU A 3 6.93 -3.01 -3.31
CA GLU A 3 6.51 -2.23 -2.15
C GLU A 3 6.81 -0.75 -2.39
N ARG A 4 7.57 -0.49 -3.45
CA ARG A 4 7.94 0.87 -3.78
C ARG A 4 6.88 1.49 -4.71
N GLN A 5 6.35 0.66 -5.58
CA GLN A 5 5.33 1.11 -6.52
C GLN A 5 3.93 0.97 -5.90
N VAL A 6 3.75 -0.11 -5.16
CA VAL A 6 2.48 -0.36 -4.51
C VAL A 6 2.27 0.66 -3.39
N LEU A 7 3.32 0.86 -2.61
CA LEU A 7 3.26 1.81 -1.51
C LEU A 7 2.95 3.20 -2.05
N LYS A 8 3.80 3.65 -2.96
CA LYS A 8 3.63 4.96 -3.56
C LYS A 8 2.15 5.15 -3.93
N LEU A 9 1.57 4.11 -4.48
CA LEU A 9 0.17 4.14 -4.88
C LEU A 9 -0.72 4.03 -3.64
N ILE A 10 -0.50 2.96 -2.89
CA ILE A 10 -1.26 2.74 -1.68
C ILE A 10 -1.29 4.01 -0.84
N ASP A 11 -0.23 4.79 -1.00
CA ASP A 11 -0.11 6.05 -0.26
C ASP A 11 -1.18 7.03 -0.75
N GLU A 12 -1.26 7.15 -2.08
CA GLU A 12 -2.23 8.05 -2.69
C GLU A 12 -3.65 7.59 -2.37
N GLY A 13 -3.81 6.28 -2.27
CA GLY A 13 -5.11 5.69 -1.97
C GLY A 13 -5.59 4.81 -3.12
N TYR A 14 -6.22 3.71 -2.75
CA TYR A 14 -6.74 2.77 -3.74
C TYR A 14 -7.03 1.41 -3.10
N THR A 15 -8.19 1.32 -2.47
CA THR A 15 -8.60 0.08 -1.82
C THR A 15 -7.60 -1.03 -2.13
N ASN A 16 -7.98 -1.88 -3.07
CA ASN A 16 -7.12 -2.99 -3.46
C ASN A 16 -7.25 -3.21 -4.97
N HIS A 17 -8.48 -3.26 -5.44
CA HIS A 17 -8.75 -3.46 -6.85
C HIS A 17 -8.09 -2.35 -7.66
N GLY A 18 -8.17 -1.14 -7.12
CA GLY A 18 -7.60 0.01 -7.78
C GLY A 18 -6.07 -0.09 -7.82
N ILE A 19 -5.49 -0.18 -6.63
CA ILE A 19 -4.04 -0.27 -6.51
C ILE A 19 -3.54 -1.40 -7.40
N SER A 20 -4.43 -2.33 -7.71
CA SER A 20 -4.09 -3.45 -8.56
C SER A 20 -4.39 -3.12 -10.02
N GLU A 21 -5.58 -2.58 -10.24
CA GLU A 21 -6.00 -2.21 -11.58
C GLU A 21 -5.15 -1.05 -12.11
N LYS A 22 -4.45 -0.41 -11.18
CA LYS A 22 -3.58 0.71 -11.53
C LYS A 22 -2.18 0.19 -11.85
N LEU A 23 -1.63 -0.52 -10.88
CA LEU A 23 -0.29 -1.08 -11.04
C LEU A 23 -0.34 -2.25 -12.04
N HIS A 24 -1.25 -3.17 -11.77
CA HIS A 24 -1.42 -4.32 -12.64
C HIS A 24 -2.35 -5.34 -11.98
N ILE A 25 -3.38 -5.70 -12.71
CA ILE A 25 -4.36 -6.66 -12.20
C ILE A 25 -3.62 -7.77 -11.45
N SER A 26 -3.83 -7.79 -10.15
CA SER A 26 -3.19 -8.79 -9.31
C SER A 26 -3.46 -8.49 -7.83
N ILE A 27 -4.73 -8.28 -7.52
CA ILE A 27 -5.13 -7.98 -6.16
C ILE A 27 -4.43 -8.95 -5.20
N LYS A 28 -4.25 -10.18 -5.68
CA LYS A 28 -3.60 -11.19 -4.87
C LYS A 28 -2.15 -10.78 -4.61
N THR A 29 -1.50 -10.31 -5.67
CA THR A 29 -0.11 -9.89 -5.57
C THR A 29 0.03 -8.79 -4.51
N VAL A 30 -0.93 -7.87 -4.54
CA VAL A 30 -0.92 -6.76 -3.59
C VAL A 30 -0.79 -7.31 -2.16
N GLU A 31 -1.56 -8.35 -1.90
CA GLU A 31 -1.55 -8.98 -0.59
C GLU A 31 -0.11 -9.35 -0.20
N THR A 32 0.58 -9.99 -1.12
CA THR A 32 1.95 -10.41 -0.87
C THR A 32 2.84 -9.18 -0.64
N HIS A 33 2.53 -8.12 -1.38
CA HIS A 33 3.29 -6.89 -1.25
C HIS A 33 3.14 -6.33 0.16
N ARG A 34 1.95 -6.49 0.71
CA ARG A 34 1.66 -6.01 2.05
C ARG A 34 2.66 -6.60 3.05
N MET A 35 2.76 -7.92 3.02
CA MET A 35 3.67 -8.62 3.92
C MET A 35 5.09 -8.05 3.81
N ASN A 36 5.43 -7.64 2.59
CA ASN A 36 6.76 -7.08 2.34
C ASN A 36 6.83 -5.68 2.95
N MET A 37 5.83 -4.87 2.62
CA MET A 37 5.78 -3.51 3.13
C MET A 37 5.75 -3.49 4.66
N MET A 38 4.87 -4.33 5.21
CA MET A 38 4.73 -4.42 6.66
C MET A 38 6.02 -4.94 7.30
N ARG A 39 6.79 -5.64 6.49
CA ARG A 39 8.05 -6.21 6.97
C ARG A 39 9.17 -5.17 6.88
N LYS A 40 9.25 -4.53 5.72
CA LYS A 40 10.26 -3.50 5.50
C LYS A 40 9.98 -2.30 6.41
N LEU A 41 8.78 -1.77 6.27
CA LEU A 41 8.37 -0.62 7.06
C LEU A 41 8.27 -1.04 8.53
N GLN A 42 7.97 -2.31 8.74
CA GLN A 42 7.83 -2.84 10.07
C GLN A 42 6.62 -2.23 10.78
N VAL A 43 5.74 -1.66 9.98
CA VAL A 43 4.54 -1.03 10.50
C VAL A 43 3.54 -2.12 10.90
N HIS A 44 2.26 -1.77 10.82
CA HIS A 44 1.20 -2.69 11.16
C HIS A 44 0.65 -3.34 9.89
N LYS A 45 -0.36 -2.68 9.33
CA LYS A 45 -1.00 -3.17 8.12
C LYS A 45 -0.86 -2.11 7.02
N VAL A 46 -1.68 -2.28 5.99
CA VAL A 46 -1.67 -1.35 4.87
C VAL A 46 -2.13 0.03 5.34
N THR A 47 -3.05 0.01 6.30
CA THR A 47 -3.58 1.24 6.85
C THR A 47 -2.47 2.05 7.54
N GLU A 48 -1.84 1.40 8.51
CA GLU A 48 -0.77 2.04 9.26
C GLU A 48 0.31 2.56 8.30
N LEU A 49 0.51 1.80 7.23
CA LEU A 49 1.50 2.17 6.24
C LEU A 49 1.07 3.48 5.56
N LEU A 50 -0.22 3.60 5.34
CA LEU A 50 -0.77 4.79 4.71
C LEU A 50 -0.32 6.03 5.49
N ASN A 51 -0.39 5.93 6.81
CA ASN A 51 0.01 7.02 7.67
C ASN A 51 1.52 7.22 7.58
N CYS A 52 2.20 6.14 7.20
CA CYS A 52 3.65 6.18 7.06
C CYS A 52 4.00 7.03 5.84
N ALA A 53 3.41 6.63 4.71
CA ALA A 53 3.66 7.35 3.46
C ALA A 53 3.19 8.80 3.61
N ARG A 54 1.92 8.95 3.97
CA ARG A 54 1.35 10.27 4.14
C ARG A 54 2.04 11.00 5.30
N ARG A 55 2.42 10.23 6.29
CA ARG A 55 3.10 10.78 7.46
C ARG A 55 2.10 11.54 8.34
N MET A 56 0.99 10.86 8.64
CA MET A 56 -0.05 11.46 9.47
C MET A 56 -0.95 12.38 8.64
N ARG A 57 -1.77 11.77 7.81
CA ARG A 57 -2.68 12.52 6.97
C ARG A 57 -3.24 11.63 5.85
N LEU A 58 -3.88 10.55 6.26
CA LEU A 58 -4.45 9.61 5.32
C LEU A 58 -5.60 8.86 5.99
N ILE A 59 -6.46 9.61 6.66
CA ILE A 59 -7.60 9.03 7.35
C ILE A 59 -8.85 9.85 7.05
N GLU A 60 -8.97 10.26 5.80
CA GLU A 60 -10.11 11.05 5.38
C GLU A 60 -10.02 11.37 3.89
N TYR A 61 -9.56 10.38 3.13
CA TYR A 61 -9.41 10.54 1.70
C TYR A 61 -10.72 10.21 0.98
#